data_5B0R
#
_entry.id   5B0R
#
_cell.length_a   145.773
_cell.length_b   145.773
_cell.length_c   105.774
_cell.angle_alpha   90.00
_cell.angle_beta   90.00
_cell.angle_gamma   120.00
#
_symmetry.space_group_name_H-M   'P 31 2 1'
#
loop_
_entity.id
_entity.type
_entity.pdbx_description
1 polymer 'Lin0857 protein'
2 branched beta-D-mannopyranose-(1-2)-beta-D-mannopyranose
3 non-polymer 'SULFATE ION'
4 non-polymer GLYCEROL
5 non-polymer '2-(N-MORPHOLINO)-ETHANESULFONIC ACID'
6 water water
#
_entity_poly.entity_id   1
_entity_poly.type   'polypeptide(L)'
_entity_poly.pdbx_seq_one_letter_code
;MNIYRYEENPLITPLDVKPIHEGFEVIGAFNGGVAEYNGEVLLLLRVAEKPVSEDPEIVLAPVYNAKNKELELQSFRLDD
ENYDFEDPRMIRSKAKLEGFSYLTSLSYIRIARSKDGHHFTLDEKPFLYPFNEYQTFGIEDARVTQIGDTYHVNFSAVSE
FGVADALVTTKDFENLEYQGNIFAPENKDVLIFPEKINGKYYALHRPSLKSIGNLDIWIASSPDLRSFGDHRHLLGIRPG
EYDSGRVGGGCVPIKTEEGWLILYHGATEENRYVMGAALLDLNDPTIVLKRTKTPILEPVADYEKNGFFGDVVFACGAIQ
EGDTLHMYYGVADTSMAGCDMKISEILHQLEVEAKLEHHHHHH
;
_entity_poly.pdbx_strand_id   A,B
#
# COMPACT_ATOMS: atom_id res chain seq x y z
N MET A 1 -33.97 -12.10 -4.02
CA MET A 1 -33.59 -13.52 -4.34
C MET A 1 -33.94 -14.41 -3.26
N ASN A 2 -33.81 -15.70 -3.55
CA ASN A 2 -33.91 -16.61 -2.53
C ASN A 2 -32.58 -17.51 -2.32
N ILE A 3 -32.27 -17.57 -1.05
CA ILE A 3 -31.00 -18.12 -0.67
C ILE A 3 -31.29 -19.52 0.01
N TYR A 4 -30.68 -20.55 -0.51
CA TYR A 4 -30.74 -21.90 0.10
C TYR A 4 -29.55 -22.01 1.08
N ARG A 5 -29.83 -21.58 2.29
CA ARG A 5 -28.87 -21.84 3.38
C ARG A 5 -28.97 -23.37 3.64
N TYR A 6 -27.83 -24.01 3.66
CA TYR A 6 -27.75 -25.45 3.92
C TYR A 6 -28.34 -25.83 5.20
N GLU A 7 -29.08 -26.96 5.23
CA GLU A 7 -29.59 -27.47 6.45
C GLU A 7 -28.49 -27.82 7.51
N GLU A 8 -27.31 -28.14 7.07
CA GLU A 8 -26.27 -28.55 7.97
C GLU A 8 -25.56 -27.28 8.54
N ASN A 9 -25.95 -26.10 8.11
CA ASN A 9 -25.24 -24.91 8.66
C ASN A 9 -25.38 -24.76 10.15
N PRO A 10 -24.33 -24.25 10.84
CA PRO A 10 -22.96 -24.02 10.31
C PRO A 10 -22.24 -25.34 10.02
N LEU A 11 -21.58 -25.41 8.92
CA LEU A 11 -20.97 -26.62 8.37
C LEU A 11 -19.80 -27.06 9.26
N ILE A 12 -18.93 -26.09 9.63
CA ILE A 12 -17.68 -26.39 10.41
C ILE A 12 -17.66 -25.30 11.50
N THR A 13 -17.56 -25.66 12.78
CA THR A 13 -17.49 -24.72 13.92
C THR A 13 -16.19 -24.98 14.66
N PRO A 14 -15.86 -24.09 15.62
CA PRO A 14 -14.65 -24.40 16.44
C PRO A 14 -14.73 -25.74 17.18
N LEU A 15 -15.93 -26.18 17.48
CA LEU A 15 -16.14 -27.52 18.13
C LEU A 15 -15.65 -28.64 17.27
N ASP A 16 -15.53 -28.47 15.98
CA ASP A 16 -15.10 -29.50 15.04
C ASP A 16 -13.58 -29.59 14.90
N VAL A 17 -12.84 -28.63 15.49
CA VAL A 17 -11.45 -28.46 15.15
C VAL A 17 -10.61 -28.42 16.41
N LYS A 18 -9.64 -29.31 16.50
CA LYS A 18 -8.79 -29.31 17.68
C LYS A 18 -7.63 -28.35 17.54
N PRO A 19 -7.26 -27.66 18.65
CA PRO A 19 -6.14 -26.71 18.55
C PRO A 19 -4.83 -27.37 18.40
N ILE A 20 -3.95 -26.81 17.62
CA ILE A 20 -2.62 -27.34 17.46
C ILE A 20 -1.60 -26.76 18.47
N HIS A 21 -1.90 -25.65 19.15
CA HIS A 21 -0.99 -25.03 20.11
C HIS A 21 -1.49 -25.40 21.51
N GLU A 22 -0.60 -26.00 22.29
CA GLU A 22 -0.97 -26.26 23.68
C GLU A 22 -1.25 -24.98 24.47
N GLY A 23 -2.30 -25.05 25.24
CA GLY A 23 -2.69 -23.83 26.01
C GLY A 23 -3.50 -22.81 25.18
N PHE A 24 -4.05 -23.30 24.01
CA PHE A 24 -4.86 -22.39 23.12
C PHE A 24 -6.20 -22.96 22.86
N GLU A 25 -7.14 -22.09 22.55
CA GLU A 25 -8.41 -22.58 22.06
C GLU A 25 -8.72 -22.10 20.67
N VAL A 26 -9.45 -22.92 19.95
CA VAL A 26 -9.87 -22.48 18.60
C VAL A 26 -11.04 -21.58 18.76
N ILE A 27 -10.92 -20.33 18.31
CA ILE A 27 -12.03 -19.38 18.37
C ILE A 27 -12.76 -19.20 17.03
N GLY A 28 -12.19 -19.68 15.96
CA GLY A 28 -12.87 -19.60 14.66
C GLY A 28 -12.26 -20.58 13.64
N ALA A 29 -13.15 -21.10 12.81
CA ALA A 29 -12.81 -21.78 11.66
C ALA A 29 -13.70 -21.17 10.52
N PHE A 30 -13.10 -20.29 9.73
CA PHE A 30 -13.85 -19.28 9.01
C PHE A 30 -13.21 -18.78 7.79
N ASN A 31 -13.93 -17.99 7.03
CA ASN A 31 -13.38 -17.27 5.85
C ASN A 31 -12.58 -18.14 4.91
N GLY A 32 -13.15 -19.33 4.59
CA GLY A 32 -12.36 -20.33 3.82
C GLY A 32 -12.32 -20.09 2.33
N GLY A 33 -11.13 -20.20 1.74
CA GLY A 33 -10.97 -20.19 0.30
C GLY A 33 -11.67 -21.48 -0.25
N VAL A 34 -12.00 -21.44 -1.54
CA VAL A 34 -12.83 -22.50 -2.11
C VAL A 34 -12.18 -22.98 -3.41
N ALA A 35 -12.02 -24.31 -3.46
CA ALA A 35 -11.52 -24.90 -4.71
C ALA A 35 -12.21 -26.29 -4.93
N GLU A 36 -12.05 -26.74 -6.19
CA GLU A 36 -12.39 -28.14 -6.57
CA GLU A 36 -12.41 -28.08 -6.67
C GLU A 36 -11.09 -28.81 -7.01
N TYR A 37 -10.87 -29.95 -6.41
CA TYR A 37 -9.69 -30.73 -6.61
C TYR A 37 -10.00 -32.21 -6.47
N ASN A 38 -9.63 -32.95 -7.53
CA ASN A 38 -9.80 -34.43 -7.51
C ASN A 38 -11.17 -34.91 -7.07
N GLY A 39 -12.21 -34.27 -7.56
CA GLY A 39 -13.60 -34.64 -7.33
C GLY A 39 -14.15 -34.23 -6.01
N GLU A 40 -13.46 -33.33 -5.26
CA GLU A 40 -13.97 -32.91 -3.98
C GLU A 40 -13.91 -31.31 -3.86
N VAL A 41 -14.81 -30.81 -3.05
CA VAL A 41 -14.77 -29.33 -2.66
C VAL A 41 -13.73 -29.25 -1.53
N LEU A 42 -12.83 -28.30 -1.68
CA LEU A 42 -11.83 -28.01 -0.66
C LEU A 42 -12.19 -26.60 -0.09
N LEU A 43 -12.25 -26.54 1.25
CA LEU A 43 -12.31 -25.25 1.96
C LEU A 43 -10.94 -25.04 2.57
N LEU A 44 -10.28 -23.89 2.30
CA LEU A 44 -9.00 -23.59 2.95
C LEU A 44 -9.34 -22.71 4.16
N LEU A 45 -9.66 -23.33 5.27
CA LEU A 45 -10.19 -22.72 6.43
C LEU A 45 -9.14 -21.83 7.07
N ARG A 46 -9.59 -20.65 7.52
CA ARG A 46 -8.79 -19.89 8.48
C ARG A 46 -9.16 -20.35 9.84
N VAL A 47 -8.18 -20.91 10.54
CA VAL A 47 -8.35 -21.42 11.86
C VAL A 47 -7.57 -20.46 12.82
N ALA A 48 -8.31 -19.79 13.68
CA ALA A 48 -7.75 -18.77 14.60
C ALA A 48 -7.71 -19.44 15.99
N GLU A 49 -6.52 -19.42 16.57
CA GLU A 49 -6.36 -19.93 17.96
C GLU A 49 -5.93 -18.79 18.92
N LYS A 50 -6.54 -18.82 20.09
CA LYS A 50 -6.34 -17.78 21.10
C LYS A 50 -5.66 -18.44 22.29
N PRO A 51 -4.62 -17.81 22.81
CA PRO A 51 -3.99 -18.30 24.06
C PRO A 51 -4.89 -18.01 25.18
N VAL A 52 -5.12 -18.97 26.07
CA VAL A 52 -6.01 -18.86 27.22
C VAL A 52 -5.17 -18.43 28.45
N SER A 53 -5.69 -17.51 29.24
CA SER A 53 -5.01 -17.03 30.49
C SER A 53 -5.96 -17.43 31.65
N GLU A 54 -5.47 -18.08 32.69
CA GLU A 54 -6.34 -18.43 33.87
C GLU A 54 -6.66 -17.19 34.73
N ASP A 55 -5.94 -16.06 34.56
CA ASP A 55 -6.28 -14.82 35.24
C ASP A 55 -7.13 -13.95 34.34
N PRO A 56 -8.38 -13.65 34.71
CA PRO A 56 -9.20 -12.75 33.89
C PRO A 56 -8.75 -11.32 33.78
N GLU A 57 -7.80 -10.89 34.59
CA GLU A 57 -7.29 -9.52 34.52
C GLU A 57 -6.21 -9.36 33.39
N ILE A 58 -5.81 -10.48 32.83
CA ILE A 58 -4.65 -10.51 31.87
C ILE A 58 -5.13 -11.13 30.54
N VAL A 59 -4.68 -10.59 29.40
CA VAL A 59 -4.85 -11.23 28.14
C VAL A 59 -3.52 -11.40 27.46
N LEU A 60 -3.47 -12.32 26.51
CA LEU A 60 -2.21 -12.67 25.91
C LEU A 60 -2.35 -12.49 24.38
N ALA A 61 -1.30 -12.03 23.71
CA ALA A 61 -1.27 -11.99 22.23
C ALA A 61 -0.24 -12.99 21.76
N PRO A 62 -0.63 -13.84 20.84
CA PRO A 62 0.26 -14.84 20.21
C PRO A 62 1.01 -14.35 19.03
N VAL A 63 2.32 -14.41 19.13
CA VAL A 63 3.22 -13.98 18.11
C VAL A 63 4.18 -15.08 17.67
N TYR A 64 4.19 -15.42 16.38
CA TYR A 64 5.09 -16.38 15.84
C TYR A 64 6.42 -15.67 15.67
N ASN A 65 7.51 -16.21 16.23
CA ASN A 65 8.80 -15.54 16.15
C ASN A 65 9.49 -16.27 15.00
N ALA A 66 9.78 -15.51 13.95
CA ALA A 66 10.14 -16.12 12.66
C ALA A 66 11.67 -16.67 12.77
N LYS A 67 12.42 -16.08 13.66
CA LYS A 67 13.80 -16.70 14.04
C LYS A 67 13.87 -18.10 14.78
N ASN A 68 13.03 -18.34 15.78
CA ASN A 68 13.03 -19.56 16.59
C ASN A 68 11.98 -20.46 16.10
N LYS A 69 11.19 -19.92 15.17
CA LYS A 69 10.12 -20.72 14.68
C LYS A 69 9.32 -21.19 15.85
N GLU A 70 9.11 -20.30 16.85
CA GLU A 70 8.32 -20.63 18.03
C GLU A 70 7.26 -19.53 18.31
N LEU A 71 6.13 -19.87 18.90
CA LEU A 71 5.23 -18.92 19.44
C LEU A 71 5.73 -18.28 20.70
N GLU A 72 5.67 -16.98 20.81
CA GLU A 72 5.94 -16.22 22.05
C GLU A 72 4.61 -15.56 22.38
N LEU A 73 4.42 -15.28 23.63
CA LEU A 73 3.16 -14.66 24.04
C LEU A 73 3.46 -13.34 24.66
N GLN A 74 2.77 -12.28 24.30
CA GLN A 74 2.95 -11.02 24.91
C GLN A 74 1.77 -10.82 25.88
N SER A 75 2.01 -10.43 27.13
CA SER A 75 0.89 -10.26 28.08
C SER A 75 0.54 -8.82 28.23
N PHE A 76 -0.72 -8.59 28.54
CA PHE A 76 -1.26 -7.31 28.85
C PHE A 76 -2.24 -7.42 30.01
N ARG A 77 -2.29 -6.35 30.80
CA ARG A 77 -3.44 -6.16 31.76
C ARG A 77 -4.56 -5.50 31.08
N LEU A 78 -5.77 -5.99 31.27
CA LEU A 78 -6.94 -5.30 30.72
C LEU A 78 -7.15 -3.88 31.23
N ASP A 79 -6.63 -3.57 32.42
CA ASP A 79 -6.72 -2.18 32.94
C ASP A 79 -5.55 -1.31 32.57
N ASP A 80 -4.70 -1.71 31.62
CA ASP A 80 -3.61 -0.92 31.17
C ASP A 80 -4.17 0.32 30.49
N GLU A 81 -3.89 1.50 31.05
CA GLU A 81 -4.55 2.72 30.56
C GLU A 81 -3.99 3.13 29.22
N ASN A 82 -2.95 2.47 28.74
CA ASN A 82 -2.43 2.84 27.44
C ASN A 82 -3.03 2.00 26.26
N TYR A 83 -3.81 0.97 26.57
CA TYR A 83 -4.37 0.05 25.54
C TYR A 83 -5.86 0.00 25.63
N ASP A 84 -6.51 -0.41 24.52
CA ASP A 84 -7.89 -0.53 24.41
C ASP A 84 -8.19 -2.01 23.98
N PHE A 85 -9.10 -2.67 24.69
CA PHE A 85 -9.45 -4.03 24.43
C PHE A 85 -10.88 -4.21 23.93
N GLU A 86 -11.50 -3.14 23.51
CA GLU A 86 -12.95 -3.15 23.22
C GLU A 86 -13.30 -3.87 21.92
N ASP A 87 -12.33 -3.95 21.03
CA ASP A 87 -12.48 -4.71 19.80
C ASP A 87 -11.90 -6.08 20.09
N PRO A 88 -12.74 -7.14 20.07
CA PRO A 88 -12.23 -8.42 20.47
C PRO A 88 -11.19 -9.06 19.56
N ARG A 89 -10.97 -8.49 18.37
CA ARG A 89 -10.05 -9.01 17.44
C ARG A 89 -8.64 -8.52 17.66
N MET A 90 -8.47 -7.50 18.47
CA MET A 90 -7.20 -6.81 18.48
C MET A 90 -6.92 -6.07 19.83
N ILE A 91 -5.67 -5.83 20.05
CA ILE A 91 -5.16 -5.06 21.17
C ILE A 91 -4.59 -3.79 20.60
N ARG A 92 -5.22 -2.68 20.94
CA ARG A 92 -4.97 -1.39 20.32
C ARG A 92 -4.36 -0.39 21.26
N SER A 93 -3.39 0.38 20.79
CA SER A 93 -2.98 1.55 21.52
C SER A 93 -4.07 2.60 21.54
N LYS A 94 -4.34 3.19 22.75
CA LYS A 94 -5.31 4.27 22.81
C LYS A 94 -4.95 5.47 21.90
N ALA A 95 -3.68 5.69 21.70
CA ALA A 95 -3.15 6.73 20.76
C ALA A 95 -3.22 6.31 19.27
N LYS A 96 -3.62 5.06 18.99
CA LYS A 96 -3.79 4.55 17.59
C LYS A 96 -4.96 3.66 17.41
N LEU A 97 -6.15 4.17 17.72
CA LEU A 97 -7.35 3.38 17.61
C LEU A 97 -7.69 2.95 16.21
N GLU A 98 -7.11 3.64 15.23
CA GLU A 98 -7.36 3.24 13.87
C GLU A 98 -6.54 2.05 13.45
N GLY A 99 -5.67 1.53 14.33
CA GLY A 99 -4.82 0.36 13.95
C GLY A 99 -4.79 -0.62 15.10
N PHE A 100 -3.70 -1.35 15.18
CA PHE A 100 -3.55 -2.37 16.24
C PHE A 100 -2.08 -2.54 16.51
N SER A 101 -1.81 -2.87 17.77
CA SER A 101 -0.47 -3.34 18.16
C SER A 101 -0.32 -4.86 18.05
N TYR A 102 -1.36 -5.56 18.38
CA TYR A 102 -1.38 -7.03 18.37
C TYR A 102 -2.76 -7.49 17.99
N LEU A 103 -2.82 -8.75 17.50
CA LEU A 103 -4.07 -9.43 17.39
C LEU A 103 -4.31 -10.25 18.62
N THR A 104 -5.54 -10.69 18.84
CA THR A 104 -5.91 -11.53 19.97
C THR A 104 -5.79 -13.04 19.68
N SER A 105 -5.61 -13.40 18.43
CA SER A 105 -5.46 -14.79 18.02
C SER A 105 -4.42 -14.89 16.90
N LEU A 106 -3.99 -16.09 16.63
CA LEU A 106 -3.07 -16.31 15.53
C LEU A 106 -3.73 -17.30 14.58
N SER A 107 -3.74 -16.99 13.31
CA SER A 107 -4.41 -17.83 12.30
C SER A 107 -3.42 -18.57 11.42
N TYR A 108 -3.94 -19.73 10.97
CA TYR A 108 -3.27 -20.53 9.98
C TYR A 108 -4.35 -21.12 9.08
N ILE A 109 -3.94 -21.81 8.03
CA ILE A 109 -4.89 -22.40 7.03
C ILE A 109 -4.93 -23.95 7.19
N ARG A 110 -6.13 -24.49 7.25
CA ARG A 110 -6.30 -25.99 7.28
C ARG A 110 -7.39 -26.32 6.30
N ILE A 111 -7.10 -27.33 5.46
CA ILE A 111 -8.08 -27.82 4.47
C ILE A 111 -9.14 -28.77 5.05
N ALA A 112 -10.40 -28.58 4.69
CA ALA A 112 -11.49 -29.51 4.87
C ALA A 112 -11.94 -29.88 3.44
N ARG A 113 -12.36 -31.14 3.26
CA ARG A 113 -12.80 -31.62 1.95
C ARG A 113 -14.18 -32.34 2.03
N SER A 114 -14.92 -32.23 0.91
CA SER A 114 -16.22 -32.79 0.84
C SER A 114 -16.52 -33.37 -0.50
N LYS A 115 -17.26 -34.47 -0.47
CA LYS A 115 -17.77 -35.04 -1.73
C LYS A 115 -19.10 -34.51 -2.18
N ASP A 116 -19.95 -34.16 -1.27
CA ASP A 116 -21.31 -33.75 -1.55
C ASP A 116 -21.49 -32.22 -1.43
N GLY A 117 -20.40 -31.49 -1.05
CA GLY A 117 -20.57 -30.06 -0.77
C GLY A 117 -21.16 -29.60 0.55
N HIS A 118 -21.67 -30.50 1.36
CA HIS A 118 -22.37 -30.22 2.58
C HIS A 118 -21.67 -30.80 3.78
N HIS A 119 -21.09 -31.98 3.67
CA HIS A 119 -20.44 -32.68 4.81
C HIS A 119 -18.97 -32.67 4.57
N PHE A 120 -18.20 -32.14 5.53
CA PHE A 120 -16.81 -31.98 5.36
C PHE A 120 -15.96 -32.77 6.38
N THR A 121 -14.78 -33.13 5.95
CA THR A 121 -13.75 -33.79 6.73
C THR A 121 -12.45 -33.05 6.66
N LEU A 122 -11.92 -32.77 7.84
CA LEU A 122 -10.68 -32.02 7.89
C LEU A 122 -9.49 -32.82 7.51
N ASP A 123 -8.58 -32.24 6.79
CA ASP A 123 -7.23 -32.81 6.60
C ASP A 123 -6.55 -32.92 7.95
N GLU A 124 -5.64 -33.88 8.08
CA GLU A 124 -5.02 -34.16 9.35
C GLU A 124 -4.22 -33.00 9.95
N LYS A 125 -3.43 -32.37 9.12
CA LYS A 125 -2.49 -31.37 9.53
C LYS A 125 -2.83 -30.00 8.90
N PRO A 126 -2.16 -28.96 9.39
CA PRO A 126 -2.32 -27.67 8.67
C PRO A 126 -1.82 -27.65 7.26
N PHE A 127 -2.35 -26.75 6.42
CA PHE A 127 -1.88 -26.52 5.12
C PHE A 127 -0.84 -25.49 5.00
N LEU A 128 -1.10 -24.29 5.57
CA LEU A 128 -0.13 -23.18 5.61
C LEU A 128 -0.11 -22.62 6.99
N TYR A 129 1.07 -22.58 7.58
CA TYR A 129 1.27 -22.04 8.91
C TYR A 129 2.35 -21.02 8.77
N PRO A 130 2.25 -19.89 9.57
CA PRO A 130 3.27 -18.86 9.47
C PRO A 130 4.70 -19.37 9.34
N PHE A 131 5.34 -18.93 8.26
CA PHE A 131 6.66 -19.40 7.84
C PHE A 131 7.71 -18.37 7.56
N ASN A 132 7.46 -17.09 7.75
CA ASN A 132 8.44 -16.05 7.52
C ASN A 132 8.10 -14.82 8.32
N GLU A 133 8.92 -13.80 8.21
CA GLU A 133 8.82 -12.61 9.00
C GLU A 133 7.63 -11.67 8.64
N TYR A 134 6.95 -12.02 7.57
CA TYR A 134 5.70 -11.30 7.16
C TYR A 134 4.45 -11.87 7.75
N GLN A 135 4.55 -12.97 8.54
CA GLN A 135 3.40 -13.77 8.93
C GLN A 135 3.34 -14.02 10.41
N THR A 136 4.06 -13.19 11.16
CA THR A 136 4.19 -13.42 12.60
C THR A 136 2.94 -13.28 13.38
N PHE A 137 1.92 -12.53 12.88
CA PHE A 137 0.68 -12.47 13.53
C PHE A 137 -0.40 -13.32 12.87
N GLY A 138 0.00 -14.16 11.90
CA GLY A 138 -0.88 -15.08 11.21
C GLY A 138 -0.89 -15.00 9.69
N ILE A 139 -1.47 -16.07 9.13
CA ILE A 139 -1.88 -16.19 7.77
C ILE A 139 -3.41 -16.26 7.81
N GLU A 140 -4.05 -15.35 7.03
CA GLU A 140 -5.51 -15.23 7.10
C GLU A 140 -6.14 -15.30 5.70
N ASP A 141 -7.38 -15.80 5.67
CA ASP A 141 -8.33 -15.55 4.57
C ASP A 141 -7.77 -15.85 3.15
N ALA A 142 -7.37 -17.12 3.00
CA ALA A 142 -6.82 -17.64 1.74
C ALA A 142 -7.89 -17.66 0.69
N ARG A 143 -7.60 -17.06 -0.47
CA ARG A 143 -8.49 -17.10 -1.63
C ARG A 143 -7.78 -18.08 -2.59
N VAL A 144 -8.60 -18.76 -3.42
CA VAL A 144 -8.02 -19.67 -4.41
C VAL A 144 -8.58 -19.40 -5.81
N THR A 145 -7.67 -19.10 -6.75
CA THR A 145 -8.03 -18.95 -8.15
C THR A 145 -7.33 -20.09 -8.92
N GLN A 146 -8.10 -20.89 -9.62
CA GLN A 146 -7.54 -22.01 -10.46
C GLN A 146 -7.54 -21.49 -11.90
N ILE A 147 -6.40 -21.51 -12.51
CA ILE A 147 -6.18 -21.18 -13.94
C ILE A 147 -5.48 -22.47 -14.48
N GLY A 148 -6.18 -23.16 -15.42
CA GLY A 148 -5.73 -24.51 -15.87
C GLY A 148 -5.55 -25.43 -14.70
N ASP A 149 -4.36 -26.00 -14.61
CA ASP A 149 -4.02 -26.94 -13.58
C ASP A 149 -3.46 -26.30 -12.31
N THR A 150 -3.28 -25.00 -12.32
CA THR A 150 -2.51 -24.31 -11.22
C THR A 150 -3.55 -23.55 -10.32
N TYR A 151 -3.42 -23.83 -9.03
CA TYR A 151 -4.23 -23.19 -7.98
C TYR A 151 -3.32 -22.07 -7.40
N HIS A 152 -3.87 -20.85 -7.39
CA HIS A 152 -3.21 -19.72 -6.85
C HIS A 152 -3.83 -19.43 -5.50
N VAL A 153 -3.06 -19.62 -4.42
CA VAL A 153 -3.60 -19.51 -3.09
C VAL A 153 -2.99 -18.22 -2.54
N ASN A 154 -3.82 -17.17 -2.30
CA ASN A 154 -3.20 -15.91 -1.85
C ASN A 154 -3.93 -15.44 -0.59
N PHE A 155 -3.18 -14.84 0.36
CA PHE A 155 -3.69 -14.75 1.70
C PHE A 155 -3.09 -13.47 2.33
N SER A 156 -3.77 -12.94 3.33
CA SER A 156 -3.21 -11.91 4.17
C SER A 156 -2.01 -12.48 4.97
N ALA A 157 -0.96 -11.70 4.99
CA ALA A 157 0.27 -12.00 5.78
C ALA A 157 0.44 -10.83 6.73
N VAL A 158 0.16 -11.08 8.01
CA VAL A 158 0.13 -10.03 9.04
C VAL A 158 1.45 -10.12 9.87
N SER A 159 2.09 -9.01 10.03
CA SER A 159 3.29 -8.92 10.90
C SER A 159 3.48 -7.49 11.39
N GLU A 160 4.55 -7.29 12.16
CA GLU A 160 4.93 -5.93 12.59
C GLU A 160 5.37 -5.03 11.45
N PHE A 161 5.61 -5.58 10.26
CA PHE A 161 5.94 -4.81 9.08
C PHE A 161 4.70 -4.32 8.31
N GLY A 162 3.57 -4.84 8.67
CA GLY A 162 2.30 -4.47 7.99
C GLY A 162 1.50 -5.69 7.55
N VAL A 163 0.30 -5.42 6.95
CA VAL A 163 -0.56 -6.47 6.47
C VAL A 163 -0.40 -6.45 4.93
N ALA A 164 0.26 -7.50 4.45
CA ALA A 164 0.60 -7.72 3.03
C ALA A 164 -0.30 -8.86 2.50
N ASP A 165 -0.22 -9.06 1.14
CA ASP A 165 -0.93 -10.20 0.56
C ASP A 165 0.16 -11.01 -0.21
N ALA A 166 0.18 -12.29 0.07
CA ALA A 166 1.21 -13.18 -0.45
C ALA A 166 0.53 -14.35 -1.21
N LEU A 167 1.37 -15.04 -2.00
CA LEU A 167 0.87 -16.06 -2.93
C LEU A 167 1.72 -17.35 -2.85
N VAL A 168 1.00 -18.45 -2.81
CA VAL A 168 1.58 -19.81 -3.01
C VAL A 168 0.86 -20.40 -4.19
N THR A 169 1.60 -21.07 -5.08
CA THR A 169 0.99 -21.81 -6.20
C THR A 169 1.22 -23.33 -6.00
N THR A 170 0.26 -24.11 -6.56
CA THR A 170 0.33 -25.61 -6.43
C THR A 170 -0.58 -26.21 -7.46
N LYS A 171 -0.23 -27.40 -7.96
CA LYS A 171 -1.14 -28.20 -8.76
C LYS A 171 -1.83 -29.30 -8.04
N ASP A 172 -1.44 -29.57 -6.81
CA ASP A 172 -1.92 -30.70 -6.06
C ASP A 172 -2.23 -30.50 -4.60
N PHE A 173 -2.06 -29.26 -4.08
CA PHE A 173 -2.18 -29.00 -2.62
C PHE A 173 -1.19 -29.72 -1.71
N GLU A 174 -0.14 -30.23 -2.31
CA GLU A 174 0.89 -30.98 -1.61
C GLU A 174 2.22 -30.33 -1.89
N ASN A 175 2.64 -30.13 -3.12
CA ASN A 175 3.87 -29.42 -3.44
C ASN A 175 3.50 -27.98 -3.71
N LEU A 176 4.06 -27.16 -2.83
CA LEU A 176 3.71 -25.73 -2.78
C LEU A 176 4.90 -24.94 -3.22
N GLU A 177 4.66 -23.92 -4.01
CA GLU A 177 5.68 -22.96 -4.31
C GLU A 177 5.34 -21.52 -3.83
N TYR A 178 6.22 -20.97 -3.00
CA TYR A 178 6.02 -19.58 -2.48
C TYR A 178 6.46 -18.58 -3.50
N GLN A 179 5.58 -17.57 -3.73
CA GLN A 179 5.81 -16.55 -4.75
C GLN A 179 5.99 -15.15 -4.22
N GLY A 180 6.04 -15.07 -2.91
CA GLY A 180 6.32 -13.77 -2.27
C GLY A 180 5.07 -12.96 -1.97
N ASN A 181 5.27 -11.73 -1.51
CA ASN A 181 4.19 -10.76 -1.26
C ASN A 181 3.90 -10.13 -2.59
N ILE A 182 2.75 -10.52 -3.17
CA ILE A 182 2.36 -10.03 -4.50
C ILE A 182 1.78 -8.61 -4.35
N PHE A 183 1.30 -8.28 -3.15
CA PHE A 183 0.87 -6.89 -2.88
C PHE A 183 1.60 -6.37 -1.57
N ALA A 184 2.20 -5.21 -1.70
CA ALA A 184 2.81 -4.57 -0.55
C ALA A 184 1.76 -4.24 0.53
N PRO A 185 2.16 -4.17 1.77
CA PRO A 185 1.26 -3.63 2.76
C PRO A 185 0.92 -2.19 2.47
N GLU A 186 -0.29 -1.69 2.86
CA GLU A 186 -1.34 -2.41 3.60
C GLU A 186 -2.38 -2.84 2.57
N ASN A 187 -2.58 -4.13 2.46
CA ASN A 187 -3.53 -4.64 1.42
C ASN A 187 -4.00 -6.00 1.88
N LYS A 188 -5.15 -6.38 1.38
CA LYS A 188 -5.73 -7.67 1.58
C LYS A 188 -6.94 -7.84 0.58
N ASP A 189 -7.69 -8.91 0.76
CA ASP A 189 -8.87 -9.12 -0.16
C ASP A 189 -8.46 -9.04 -1.62
N VAL A 190 -7.40 -9.79 -1.95
CA VAL A 190 -6.84 -9.85 -3.31
C VAL A 190 -7.53 -11.06 -3.95
N LEU A 191 -8.15 -10.79 -5.11
CA LEU A 191 -8.85 -11.86 -5.89
C LEU A 191 -8.30 -11.80 -7.32
N ILE A 192 -7.64 -12.88 -7.67
CA ILE A 192 -7.06 -13.04 -8.96
C ILE A 192 -8.18 -13.52 -9.96
N PHE A 193 -8.24 -12.84 -11.09
CA PHE A 193 -9.28 -13.17 -12.15
C PHE A 193 -8.83 -14.51 -12.75
N PRO A 194 -9.80 -15.34 -13.13
CA PRO A 194 -9.51 -16.77 -13.46
C PRO A 194 -9.05 -16.98 -14.92
N GLU A 195 -8.82 -15.94 -15.63
CA GLU A 195 -8.18 -16.05 -16.95
C GLU A 195 -7.47 -14.81 -17.35
N LYS A 196 -6.58 -14.98 -18.32
CA LYS A 196 -5.92 -13.88 -18.98
C LYS A 196 -6.95 -13.09 -19.80
N ILE A 197 -6.99 -11.78 -19.71
CA ILE A 197 -8.03 -10.92 -20.25
C ILE A 197 -7.38 -9.97 -21.21
N ASN A 198 -7.58 -10.25 -22.52
CA ASN A 198 -6.88 -9.45 -23.56
C ASN A 198 -5.47 -9.15 -23.30
N GLY A 199 -4.74 -10.19 -22.99
CA GLY A 199 -3.31 -10.17 -23.01
C GLY A 199 -2.69 -9.88 -21.65
N LYS A 200 -3.51 -9.66 -20.63
CA LYS A 200 -3.02 -9.39 -19.22
C LYS A 200 -3.86 -10.16 -18.20
N TYR A 201 -3.22 -10.55 -17.09
CA TYR A 201 -3.96 -11.05 -15.92
C TYR A 201 -4.37 -9.82 -15.08
N TYR A 202 -5.34 -10.05 -14.21
CA TYR A 202 -5.89 -8.99 -13.37
C TYR A 202 -6.07 -9.58 -11.93
N ALA A 203 -6.05 -8.62 -10.95
CA ALA A 203 -6.49 -8.96 -9.62
C ALA A 203 -7.16 -7.77 -9.00
N LEU A 204 -8.25 -8.06 -8.31
CA LEU A 204 -8.84 -7.08 -7.37
C LEU A 204 -7.93 -6.97 -6.14
N HIS A 205 -7.88 -5.80 -5.52
CA HIS A 205 -7.15 -5.71 -4.24
C HIS A 205 -7.81 -4.59 -3.47
N ARG A 206 -7.21 -4.23 -2.32
CA ARG A 206 -7.93 -3.35 -1.37
C ARG A 206 -6.95 -2.59 -0.42
N PRO A 207 -6.31 -1.62 -0.96
CA PRO A 207 -5.39 -0.81 -0.13
C PRO A 207 -6.10 -0.22 1.08
N SER A 208 -5.49 -0.32 2.27
CA SER A 208 -5.92 0.43 3.44
C SER A 208 -4.96 1.58 3.62
N LEU A 209 -5.50 2.79 3.85
CA LEU A 209 -4.75 4.00 3.61
C LEU A 209 -4.75 4.83 4.91
N LYS A 210 -3.57 5.22 5.29
CA LYS A 210 -3.40 5.99 6.52
C LYS A 210 -3.80 7.42 6.37
N SER A 211 -3.40 8.08 5.30
CA SER A 211 -3.41 9.53 5.22
C SER A 211 -4.73 10.09 4.61
N ILE A 212 -5.02 9.53 3.47
CA ILE A 212 -6.28 9.93 2.72
C ILE A 212 -6.63 8.75 1.88
N GLY A 213 -7.94 8.60 1.69
CA GLY A 213 -8.52 7.54 0.85
C GLY A 213 -9.39 6.68 1.74
N ASN A 214 -10.50 6.18 1.17
CA ASN A 214 -11.35 5.27 1.87
C ASN A 214 -10.93 3.80 1.63
N LEU A 215 -11.57 2.87 2.35
CA LEU A 215 -11.30 1.47 2.20
C LEU A 215 -12.07 0.90 0.96
N ASP A 216 -11.44 1.11 -0.17
CA ASP A 216 -12.06 0.95 -1.49
C ASP A 216 -11.38 -0.17 -2.25
N ILE A 217 -12.11 -0.86 -3.09
CA ILE A 217 -11.56 -1.86 -3.99
C ILE A 217 -10.83 -1.27 -5.14
N TRP A 218 -9.61 -1.74 -5.41
CA TRP A 218 -8.82 -1.41 -6.55
C TRP A 218 -8.65 -2.63 -7.49
N ILE A 219 -8.01 -2.37 -8.63
CA ILE A 219 -7.64 -3.42 -9.58
C ILE A 219 -6.23 -3.20 -10.07
N ALA A 220 -5.54 -4.27 -10.42
CA ALA A 220 -4.23 -4.17 -10.99
C ALA A 220 -4.10 -5.18 -12.12
N SER A 221 -3.17 -4.90 -13.00
CA SER A 221 -2.84 -5.88 -14.02
C SER A 221 -1.49 -6.47 -13.84
N SER A 222 -1.26 -7.57 -14.53
CA SER A 222 -0.05 -8.31 -14.38
C SER A 222 0.31 -9.12 -15.70
N PRO A 223 1.60 -9.24 -15.92
CA PRO A 223 2.04 -10.19 -17.05
C PRO A 223 2.19 -11.62 -16.70
N ASP A 224 2.26 -11.97 -15.45
CA ASP A 224 2.69 -13.28 -15.01
C ASP A 224 2.16 -13.78 -13.67
N LEU A 225 1.29 -12.97 -13.04
CA LEU A 225 0.73 -13.35 -11.73
C LEU A 225 1.82 -13.47 -10.67
N ARG A 226 2.84 -12.66 -10.81
CA ARG A 226 3.85 -12.51 -9.80
C ARG A 226 4.04 -11.07 -9.50
N SER A 227 4.06 -10.21 -10.50
CA SER A 227 4.20 -8.79 -10.37
C SER A 227 2.96 -8.10 -10.86
N PHE A 228 2.60 -6.99 -10.22
CA PHE A 228 1.37 -6.26 -10.55
C PHE A 228 1.62 -4.78 -10.70
N GLY A 229 0.82 -4.15 -11.55
CA GLY A 229 0.92 -2.75 -11.84
C GLY A 229 -0.36 -2.15 -12.42
N ASP A 230 -0.21 -0.89 -12.94
CA ASP A 230 -1.28 -0.09 -13.47
C ASP A 230 -2.49 -0.09 -12.53
N HIS A 231 -2.19 0.24 -11.27
CA HIS A 231 -3.19 0.19 -10.26
C HIS A 231 -4.27 1.24 -10.52
N ARG A 232 -5.56 0.84 -10.40
CA ARG A 232 -6.65 1.77 -10.57
C ARG A 232 -7.72 1.55 -9.45
N HIS A 233 -8.35 2.64 -9.10
CA HIS A 233 -9.46 2.64 -8.23
C HIS A 233 -10.62 1.96 -8.92
N LEU A 234 -11.37 1.10 -8.25
CA LEU A 234 -12.49 0.40 -8.87
C LEU A 234 -13.87 0.66 -8.21
N LEU A 235 -14.05 0.30 -6.97
CA LEU A 235 -15.38 0.39 -6.33
C LEU A 235 -15.17 1.10 -5.02
N GLY A 236 -15.85 2.20 -4.78
CA GLY A 236 -15.69 2.89 -3.53
C GLY A 236 -16.82 2.70 -2.53
N ILE A 237 -16.56 3.12 -1.29
CA ILE A 237 -17.60 3.11 -0.24
C ILE A 237 -18.75 4.08 -0.66
N ARG A 238 -19.92 3.80 -0.11
CA ARG A 238 -21.08 4.71 -0.30
C ARG A 238 -21.63 5.14 1.01
N PRO A 239 -21.43 6.39 1.38
CA PRO A 239 -21.95 6.91 2.66
C PRO A 239 -23.48 6.71 2.83
N GLY A 240 -23.80 6.23 4.00
CA GLY A 240 -25.21 6.01 4.29
C GLY A 240 -25.74 4.65 3.88
N GLU A 241 -24.97 3.84 3.09
CA GLU A 241 -25.45 2.61 2.52
C GLU A 241 -24.81 1.41 3.22
N TYR A 242 -25.14 0.21 2.77
CA TYR A 242 -24.64 -0.99 3.45
C TYR A 242 -23.10 -1.10 3.44
N ASP A 243 -22.50 -0.45 2.46
CA ASP A 243 -21.05 -0.45 2.22
C ASP A 243 -20.47 0.94 2.50
N SER A 244 -20.92 1.58 3.59
CA SER A 244 -20.48 2.89 3.93
C SER A 244 -19.09 2.92 4.66
N GLY A 245 -18.73 1.83 5.28
CA GLY A 245 -17.49 1.80 6.08
C GLY A 245 -16.30 1.23 5.29
N ARG A 246 -16.52 0.22 4.49
CA ARG A 246 -15.52 -0.44 3.66
C ARG A 246 -16.14 -1.39 2.67
N VAL A 247 -15.42 -1.62 1.61
CA VAL A 247 -15.66 -2.74 0.65
C VAL A 247 -14.40 -3.55 0.44
N GLY A 248 -14.54 -4.84 0.14
CA GLY A 248 -13.41 -5.60 -0.29
C GLY A 248 -13.90 -6.75 -1.13
N GLY A 249 -13.02 -7.22 -1.98
CA GLY A 249 -13.35 -8.46 -2.72
C GLY A 249 -13.64 -9.62 -1.88
N GLY A 250 -14.51 -10.55 -2.39
CA GLY A 250 -15.05 -11.65 -1.68
C GLY A 250 -14.62 -12.91 -2.46
N CYS A 251 -15.48 -13.30 -3.41
CA CYS A 251 -15.23 -14.46 -4.28
C CYS A 251 -14.43 -14.12 -5.54
N VAL A 252 -13.84 -15.13 -6.16
CA VAL A 252 -13.15 -14.99 -7.43
C VAL A 252 -14.18 -14.46 -8.49
N PRO A 253 -13.78 -13.53 -9.33
CA PRO A 253 -14.63 -12.99 -10.37
C PRO A 253 -15.20 -14.18 -11.21
N ILE A 254 -16.48 -14.04 -11.48
CA ILE A 254 -17.29 -15.09 -12.24
C ILE A 254 -17.61 -14.52 -13.66
N LYS A 255 -17.17 -15.29 -14.67
CA LYS A 255 -17.35 -14.86 -16.07
C LYS A 255 -18.81 -15.19 -16.38
N THR A 256 -19.46 -14.19 -16.92
CA THR A 256 -20.83 -14.27 -17.43
C THR A 256 -20.83 -13.61 -18.81
N GLU A 257 -21.89 -13.89 -19.55
CA GLU A 257 -22.09 -13.18 -20.85
C GLU A 257 -22.24 -11.70 -20.74
N GLU A 258 -22.67 -11.22 -19.58
CA GLU A 258 -22.85 -9.82 -19.27
C GLU A 258 -21.61 -9.06 -18.67
N GLY A 259 -20.59 -9.82 -18.37
CA GLY A 259 -19.38 -9.18 -17.74
C GLY A 259 -18.94 -10.05 -16.56
N TRP A 260 -17.92 -9.50 -15.83
CA TRP A 260 -17.30 -10.26 -14.69
C TRP A 260 -18.17 -9.93 -13.46
N LEU A 261 -18.79 -10.91 -12.89
CA LEU A 261 -19.65 -10.76 -11.79
C LEU A 261 -18.73 -10.88 -10.48
N ILE A 262 -18.80 -9.82 -9.73
CA ILE A 262 -17.96 -9.65 -8.50
C ILE A 262 -18.84 -9.69 -7.31
N LEU A 263 -18.66 -10.71 -6.47
CA LEU A 263 -19.43 -10.88 -5.25
C LEU A 263 -18.49 -10.36 -4.13
N TYR A 264 -18.78 -9.16 -3.65
CA TYR A 264 -17.89 -8.42 -2.75
C TYR A 264 -18.53 -8.29 -1.38
N HIS A 265 -17.74 -8.10 -0.31
CA HIS A 265 -18.35 -7.76 0.95
C HIS A 265 -18.31 -6.28 1.21
N GLY A 266 -19.33 -5.81 1.91
CA GLY A 266 -19.40 -4.43 2.39
C GLY A 266 -19.72 -4.37 3.84
N ALA A 267 -19.19 -3.34 4.53
CA ALA A 267 -19.50 -3.18 5.91
C ALA A 267 -19.82 -1.74 6.19
N THR A 268 -20.72 -1.58 7.14
CA THR A 268 -20.93 -0.29 7.73
C THR A 268 -19.81 0.08 8.67
N GLU A 269 -19.87 1.34 9.18
CA GLU A 269 -18.92 1.75 10.22
C GLU A 269 -19.09 1.02 11.56
N GLU A 270 -20.23 0.38 11.76
CA GLU A 270 -20.47 -0.46 12.92
C GLU A 270 -20.10 -1.90 12.65
N ASN A 271 -19.38 -2.14 11.57
CA ASN A 271 -18.87 -3.46 11.31
C ASN A 271 -19.90 -4.59 11.12
N ARG A 272 -21.08 -4.23 10.57
CA ARG A 272 -22.03 -5.22 10.07
C ARG A 272 -21.64 -5.55 8.64
N TYR A 273 -21.30 -6.81 8.33
CA TYR A 273 -20.85 -7.21 6.99
C TYR A 273 -21.93 -7.95 6.23
N VAL A 274 -22.11 -7.53 4.99
CA VAL A 274 -23.04 -8.18 4.00
C VAL A 274 -22.31 -8.41 2.73
N MET A 275 -22.88 -9.25 1.81
CA MET A 275 -22.37 -9.40 0.48
C MET A 275 -23.23 -8.59 -0.49
N GLY A 276 -22.59 -7.98 -1.44
CA GLY A 276 -23.13 -7.28 -2.57
C GLY A 276 -22.57 -7.80 -3.80
N ALA A 277 -22.96 -7.18 -4.97
CA ALA A 277 -22.43 -7.57 -6.26
C ALA A 277 -22.19 -6.36 -7.18
N ALA A 278 -21.24 -6.54 -8.08
CA ALA A 278 -20.95 -5.64 -9.09
C ALA A 278 -20.66 -6.44 -10.35
N LEU A 279 -20.71 -5.71 -11.47
CA LEU A 279 -20.48 -6.24 -12.82
C LEU A 279 -19.47 -5.39 -13.60
N LEU A 280 -18.42 -6.00 -14.07
CA LEU A 280 -17.40 -5.28 -14.74
C LEU A 280 -17.48 -5.67 -16.23
N ASP A 281 -16.98 -4.77 -17.05
CA ASP A 281 -16.84 -5.09 -18.52
C ASP A 281 -15.99 -6.31 -18.74
N LEU A 282 -16.47 -7.16 -19.66
CA LEU A 282 -15.81 -8.41 -19.94
C LEU A 282 -14.42 -8.27 -20.46
N ASN A 283 -14.18 -7.25 -21.27
CA ASN A 283 -12.91 -7.12 -21.94
C ASN A 283 -11.94 -6.13 -21.29
N ASP A 284 -12.54 -5.18 -20.54
CA ASP A 284 -11.76 -4.21 -19.76
C ASP A 284 -12.35 -4.15 -18.31
N PRO A 285 -11.88 -5.03 -17.44
CA PRO A 285 -12.52 -5.12 -16.13
C PRO A 285 -12.22 -3.98 -15.19
N THR A 286 -11.51 -2.97 -15.68
CA THR A 286 -11.37 -1.67 -14.99
C THR A 286 -12.64 -0.86 -15.07
N ILE A 287 -13.59 -1.23 -15.96
CA ILE A 287 -14.84 -0.53 -16.07
C ILE A 287 -16.00 -1.19 -15.35
N VAL A 288 -16.64 -0.46 -14.45
CA VAL A 288 -17.74 -1.00 -13.66
C VAL A 288 -19.07 -0.65 -14.42
N LEU A 289 -19.82 -1.67 -14.73
CA LEU A 289 -21.12 -1.51 -15.47
C LEU A 289 -22.27 -1.34 -14.58
N LYS A 290 -22.34 -2.14 -13.48
CA LYS A 290 -23.45 -2.15 -12.54
C LYS A 290 -23.04 -2.55 -11.07
N ARG A 291 -23.81 -2.11 -10.16
CA ARG A 291 -23.65 -2.47 -8.71
C ARG A 291 -24.90 -2.53 -8.05
N THR A 292 -25.05 -3.45 -7.10
CA THR A 292 -26.22 -3.58 -6.35
C THR A 292 -26.46 -2.41 -5.44
N LYS A 293 -27.72 -2.13 -5.15
CA LYS A 293 -28.10 -1.13 -4.20
C LYS A 293 -28.50 -1.72 -2.88
N THR A 294 -28.84 -2.99 -2.88
CA THR A 294 -29.20 -3.73 -1.64
C THR A 294 -28.34 -4.97 -1.67
N PRO A 295 -28.17 -5.60 -0.48
CA PRO A 295 -27.27 -6.76 -0.40
C PRO A 295 -27.81 -7.99 -1.11
N ILE A 296 -26.95 -8.91 -1.41
CA ILE A 296 -27.41 -10.26 -1.84
C ILE A 296 -27.43 -11.31 -0.75
N LEU A 297 -26.69 -11.04 0.37
CA LEU A 297 -26.62 -11.95 1.52
C LEU A 297 -26.34 -11.09 2.74
N GLU A 298 -27.11 -11.26 3.79
CA GLU A 298 -26.97 -10.51 5.05
C GLU A 298 -26.90 -11.48 6.19
N PRO A 299 -26.36 -11.07 7.34
CA PRO A 299 -26.35 -11.92 8.50
C PRO A 299 -27.66 -11.95 9.25
N VAL A 300 -28.47 -12.92 8.90
CA VAL A 300 -29.78 -13.09 9.57
C VAL A 300 -30.01 -14.39 10.30
N ALA A 301 -29.32 -15.47 9.98
CA ALA A 301 -29.39 -16.68 10.80
C ALA A 301 -28.70 -16.52 12.08
N ASP A 302 -29.07 -17.30 13.09
CA ASP A 302 -28.46 -17.13 14.37
C ASP A 302 -26.91 -17.29 14.36
N TYR A 303 -26.43 -18.21 13.53
CA TYR A 303 -25.01 -18.42 13.40
C TYR A 303 -24.23 -17.31 12.65
N GLU A 304 -24.97 -16.46 11.97
CA GLU A 304 -24.42 -15.27 11.30
C GLU A 304 -24.45 -14.10 12.26
N LYS A 305 -25.47 -14.03 13.12
CA LYS A 305 -25.60 -12.91 14.03
C LYS A 305 -24.76 -13.01 15.26
N ASN A 306 -24.54 -14.21 15.77
CA ASN A 306 -23.97 -14.41 17.07
C ASN A 306 -22.70 -15.24 16.95
N GLY A 307 -21.64 -14.77 17.57
CA GLY A 307 -20.45 -15.58 17.63
C GLY A 307 -19.31 -14.65 18.09
N PHE A 308 -18.11 -15.02 17.78
CA PHE A 308 -16.89 -14.25 18.14
C PHE A 308 -16.98 -12.75 17.73
N PHE A 309 -17.46 -12.50 16.51
CA PHE A 309 -17.57 -11.13 16.06
C PHE A 309 -18.88 -11.14 15.23
N GLY A 310 -19.98 -10.80 15.91
CA GLY A 310 -21.33 -11.00 15.39
C GLY A 310 -21.70 -10.08 14.22
N ASP A 311 -22.73 -10.50 13.47
CA ASP A 311 -23.27 -9.73 12.38
C ASP A 311 -22.33 -9.65 11.18
N VAL A 312 -21.75 -10.81 10.82
CA VAL A 312 -20.87 -10.97 9.71
C VAL A 312 -21.24 -12.19 8.84
N VAL A 313 -21.37 -11.93 7.56
CA VAL A 313 -21.16 -12.93 6.49
C VAL A 313 -20.03 -12.47 5.65
N PHE A 314 -19.12 -13.38 5.35
CA PHE A 314 -17.86 -13.01 4.64
C PHE A 314 -17.49 -14.12 3.67
N ALA A 315 -18.00 -14.00 2.43
CA ALA A 315 -17.78 -15.13 1.47
C ALA A 315 -16.46 -14.92 0.77
N CYS A 316 -15.60 -15.96 0.85
CA CYS A 316 -14.31 -15.97 0.24
C CYS A 316 -14.20 -16.90 -0.99
N GLY A 317 -15.31 -17.60 -1.30
CA GLY A 317 -15.22 -18.36 -2.55
C GLY A 317 -16.53 -19.06 -2.84
N ALA A 318 -16.66 -19.49 -4.11
CA ALA A 318 -17.88 -20.21 -4.52
C ALA A 318 -17.45 -21.15 -5.68
N ILE A 319 -18.24 -22.20 -5.79
CA ILE A 319 -18.14 -23.15 -6.95
C ILE A 319 -19.41 -22.95 -7.83
N GLN A 320 -19.17 -22.75 -9.10
CA GLN A 320 -20.19 -22.54 -10.14
C GLN A 320 -20.55 -23.96 -10.67
N GLU A 321 -21.85 -24.18 -10.78
CA GLU A 321 -22.37 -25.46 -11.41
C GLU A 321 -23.55 -24.99 -12.30
N GLY A 322 -23.22 -24.60 -13.51
CA GLY A 322 -24.20 -23.94 -14.45
C GLY A 322 -24.57 -22.58 -13.92
N ASP A 323 -25.84 -22.36 -13.68
CA ASP A 323 -26.36 -21.17 -13.15
C ASP A 323 -26.31 -21.15 -11.57
N THR A 324 -25.97 -22.26 -10.94
CA THR A 324 -26.04 -22.33 -9.46
C THR A 324 -24.59 -21.99 -9.01
N LEU A 325 -24.54 -21.14 -7.99
CA LEU A 325 -23.29 -20.88 -7.23
C LEU A 325 -23.43 -21.56 -5.87
N HIS A 326 -22.50 -22.44 -5.52
CA HIS A 326 -22.45 -23.03 -4.22
C HIS A 326 -21.41 -22.09 -3.44
N MET A 327 -21.97 -21.22 -2.67
CA MET A 327 -21.12 -20.13 -2.00
C MET A 327 -20.88 -20.58 -0.57
N TYR A 328 -19.61 -20.49 -0.17
CA TYR A 328 -19.25 -20.84 1.17
C TYR A 328 -18.73 -19.49 1.87
N TYR A 329 -19.09 -19.34 3.11
CA TYR A 329 -18.82 -18.02 3.74
C TYR A 329 -18.55 -18.22 5.17
N GLY A 330 -17.61 -17.36 5.67
CA GLY A 330 -17.51 -17.23 7.09
C GLY A 330 -18.69 -16.52 7.75
N VAL A 331 -19.03 -16.98 8.93
CA VAL A 331 -20.12 -16.50 9.73
C VAL A 331 -19.62 -16.08 11.11
N ALA A 332 -19.86 -14.80 11.44
CA ALA A 332 -19.56 -14.21 12.77
C ALA A 332 -18.09 -14.41 13.17
N ASP A 333 -17.21 -14.47 12.18
CA ASP A 333 -15.78 -14.80 12.36
C ASP A 333 -15.57 -16.07 13.25
N THR A 334 -16.51 -17.02 13.16
CA THR A 334 -16.56 -18.14 14.09
C THR A 334 -16.52 -19.47 13.27
N SER A 335 -17.38 -19.56 12.25
CA SER A 335 -17.65 -20.82 11.58
C SER A 335 -17.81 -20.63 10.11
N MET A 336 -18.04 -21.74 9.40
CA MET A 336 -18.29 -21.78 7.98
C MET A 336 -19.74 -22.21 7.67
N ALA A 337 -20.35 -21.56 6.70
CA ALA A 337 -21.69 -21.90 6.26
C ALA A 337 -21.66 -22.03 4.77
N GLY A 338 -22.69 -22.70 4.20
CA GLY A 338 -22.81 -22.69 2.75
C GLY A 338 -24.29 -22.33 2.36
N CYS A 339 -24.38 -21.82 1.16
CA CYS A 339 -25.67 -21.53 0.50
C CYS A 339 -25.52 -21.69 -0.97
N ASP A 340 -26.67 -21.95 -1.68
CA ASP A 340 -26.76 -21.86 -3.10
C ASP A 340 -27.56 -20.68 -3.53
N MET A 341 -27.01 -20.01 -4.53
CA MET A 341 -27.69 -18.95 -5.18
C MET A 341 -27.62 -19.17 -6.69
N LYS A 342 -28.40 -18.31 -7.38
CA LYS A 342 -28.35 -18.33 -8.83
C LYS A 342 -27.70 -17.16 -9.53
N ILE A 343 -26.73 -17.39 -10.39
CA ILE A 343 -26.03 -16.33 -11.13
C ILE A 343 -27.08 -15.48 -11.84
N SER A 344 -28.04 -16.12 -12.57
CA SER A 344 -29.08 -15.32 -13.25
C SER A 344 -29.90 -14.40 -12.33
N GLU A 345 -30.23 -14.79 -11.08
CA GLU A 345 -30.93 -13.96 -10.22
C GLU A 345 -30.06 -12.79 -9.66
N ILE A 346 -28.80 -13.07 -9.45
CA ILE A 346 -27.92 -11.92 -9.02
C ILE A 346 -27.84 -10.88 -10.18
N LEU A 347 -27.64 -11.38 -11.39
CA LEU A 347 -27.61 -10.52 -12.61
C LEU A 347 -28.86 -9.75 -12.77
N HIS A 348 -29.97 -10.38 -12.42
CA HIS A 348 -31.28 -9.72 -12.45
C HIS A 348 -31.40 -8.62 -11.43
N GLN A 349 -30.91 -8.85 -10.21
CA GLN A 349 -30.88 -7.80 -9.23
C GLN A 349 -30.00 -6.63 -9.69
N LEU A 350 -28.83 -6.90 -10.23
CA LEU A 350 -27.96 -5.89 -10.82
C LEU A 350 -28.71 -4.99 -11.87
N GLU A 351 -29.47 -5.66 -12.72
CA GLU A 351 -30.22 -4.93 -13.77
C GLU A 351 -31.28 -4.07 -13.23
N VAL A 352 -32.10 -4.61 -12.33
CA VAL A 352 -33.12 -3.86 -11.63
C VAL A 352 -32.61 -2.71 -10.84
N GLU A 353 -31.52 -2.90 -10.09
CA GLU A 353 -31.03 -1.82 -9.28
C GLU A 353 -30.04 -1.01 -10.19
N MET B 1 31.97 13.65 6.99
CA MET B 1 32.00 13.98 5.61
C MET B 1 32.53 15.43 5.41
N ASN B 2 33.23 15.54 4.32
CA ASN B 2 33.71 16.82 3.85
C ASN B 2 32.81 17.27 2.72
N ILE B 3 31.70 17.84 3.12
CA ILE B 3 30.73 18.31 2.11
C ILE B 3 31.13 19.69 1.55
N TYR B 4 31.05 19.90 0.25
CA TYR B 4 31.31 21.20 -0.32
C TYR B 4 29.84 21.74 -0.70
N ARG B 5 29.39 22.65 0.07
CA ARG B 5 28.03 23.28 -0.23
C ARG B 5 28.35 24.40 -1.26
N TYR B 6 27.55 24.48 -2.29
CA TYR B 6 27.80 25.40 -3.39
C TYR B 6 27.70 26.84 -2.94
N GLU B 7 28.63 27.66 -3.48
CA GLU B 7 28.71 29.06 -3.11
C GLU B 7 27.35 29.82 -3.49
N GLU B 8 26.70 29.33 -4.49
CA GLU B 8 25.47 29.99 -5.05
C GLU B 8 24.23 29.56 -4.25
N ASN B 9 24.38 28.60 -3.35
CA ASN B 9 23.20 28.15 -2.53
C ASN B 9 22.48 29.26 -1.77
N PRO B 10 21.15 29.26 -1.78
CA PRO B 10 20.29 28.31 -2.53
C PRO B 10 20.25 28.58 -4.01
N LEU B 11 20.25 27.58 -4.83
CA LEU B 11 20.39 27.65 -6.24
C LEU B 11 19.17 28.27 -6.88
N ILE B 12 18.01 27.80 -6.45
CA ILE B 12 16.69 28.19 -7.02
C ILE B 12 15.74 28.37 -5.85
N THR B 13 15.06 29.55 -5.74
CA THR B 13 14.21 29.88 -4.61
C THR B 13 12.84 30.27 -5.24
N PRO B 14 11.84 30.35 -4.39
CA PRO B 14 10.50 30.81 -4.93
C PRO B 14 10.56 32.13 -5.68
N LEU B 15 11.43 33.03 -5.23
CA LEU B 15 11.67 34.33 -6.02
C LEU B 15 12.04 34.15 -7.46
N ASP B 16 12.70 33.07 -7.76
CA ASP B 16 13.11 32.76 -9.09
C ASP B 16 12.03 32.28 -10.01
N VAL B 17 10.85 31.97 -9.46
CA VAL B 17 9.84 31.23 -10.16
C VAL B 17 8.46 31.93 -10.09
N LYS B 18 7.94 32.25 -11.29
CA LYS B 18 6.66 32.92 -11.33
C LYS B 18 5.54 31.84 -11.31
N PRO B 19 4.46 32.17 -10.60
CA PRO B 19 3.28 31.29 -10.52
C PRO B 19 2.55 31.15 -11.83
N ILE B 20 2.10 29.94 -12.13
CA ILE B 20 1.38 29.67 -13.34
C ILE B 20 -0.12 29.86 -13.03
N HIS B 21 -0.53 29.88 -11.78
CA HIS B 21 -1.94 30.08 -11.50
C HIS B 21 -2.18 31.50 -11.09
N GLU B 22 -3.16 32.12 -11.73
CA GLU B 22 -3.59 33.44 -11.29
C GLU B 22 -4.02 33.55 -9.83
N GLY B 23 -3.44 34.54 -9.12
CA GLY B 23 -3.71 34.84 -7.71
C GLY B 23 -3.11 33.84 -6.72
N PHE B 24 -2.04 33.16 -7.19
CA PHE B 24 -1.36 32.17 -6.30
C PHE B 24 0.06 32.66 -6.07
N GLU B 25 0.63 32.16 -5.00
CA GLU B 25 2.04 32.44 -4.72
C GLU B 25 2.83 31.09 -4.79
N VAL B 26 4.06 31.19 -5.28
CA VAL B 26 4.97 30.02 -5.23
C VAL B 26 5.49 29.94 -3.89
N ILE B 27 5.26 28.83 -3.19
CA ILE B 27 5.82 28.69 -1.88
C ILE B 27 7.09 27.79 -1.79
N GLY B 28 7.34 27.04 -2.79
CA GLY B 28 8.54 26.18 -2.88
C GLY B 28 8.87 25.83 -4.28
N ALA B 29 10.16 25.70 -4.54
CA ALA B 29 10.65 25.08 -5.70
C ALA B 29 11.77 24.12 -5.21
N PHE B 30 11.46 22.82 -5.07
CA PHE B 30 12.18 21.96 -4.15
C PHE B 30 12.10 20.53 -4.59
N ASN B 31 12.81 19.66 -3.89
CA ASN B 31 12.80 18.24 -4.09
C ASN B 31 12.88 17.81 -5.50
N GLY B 32 13.86 18.39 -6.24
CA GLY B 32 13.91 18.13 -7.64
C GLY B 32 14.63 16.85 -8.03
N GLY B 33 14.04 16.10 -8.95
CA GLY B 33 14.61 14.92 -9.56
C GLY B 33 15.82 15.40 -10.44
N VAL B 34 16.73 14.48 -10.68
CA VAL B 34 18.02 14.92 -11.29
C VAL B 34 18.28 14.02 -12.48
N ALA B 35 18.62 14.62 -13.64
CA ALA B 35 19.03 13.86 -14.82
C ALA B 35 20.15 14.66 -15.60
N GLU B 36 20.82 13.89 -16.46
CA GLU B 36 21.73 14.50 -17.46
CA GLU B 36 21.79 14.38 -17.45
C GLU B 36 21.09 14.21 -18.79
N TYR B 37 20.92 15.29 -19.54
CA TYR B 37 20.39 15.16 -20.87
C TYR B 37 20.97 16.18 -21.85
N ASN B 38 21.50 15.65 -22.96
CA ASN B 38 22.07 16.54 -24.03
C ASN B 38 23.08 17.55 -23.49
N GLY B 39 23.95 17.08 -22.61
CA GLY B 39 25.02 17.90 -22.08
C GLY B 39 24.64 18.89 -20.99
N GLU B 40 23.46 18.74 -20.37
CA GLU B 40 23.02 19.64 -19.32
C GLU B 40 22.49 18.80 -18.09
N VAL B 41 22.65 19.39 -16.92
CA VAL B 41 22.01 18.88 -15.71
C VAL B 41 20.54 19.39 -15.77
N LEU B 42 19.58 18.47 -15.63
CA LEU B 42 18.15 18.84 -15.49
C LEU B 42 17.72 18.63 -14.03
N LEU B 43 17.06 19.62 -13.44
CA LEU B 43 16.40 19.44 -12.14
C LEU B 43 14.88 19.43 -12.44
N LEU B 44 14.20 18.39 -12.05
CA LEU B 44 12.72 18.31 -12.30
C LEU B 44 12.09 18.83 -11.02
N LEU B 45 11.92 20.13 -10.95
CA LEU B 45 11.62 20.83 -9.73
C LEU B 45 10.15 20.54 -9.37
N ARG B 46 9.93 20.32 -8.13
CA ARG B 46 8.50 20.40 -7.58
C ARG B 46 8.27 21.83 -7.26
N VAL B 47 7.30 22.43 -7.96
CA VAL B 47 6.87 23.78 -7.70
C VAL B 47 5.45 23.75 -7.01
N ALA B 48 5.42 24.23 -5.81
CA ALA B 48 4.18 24.24 -4.95
C ALA B 48 3.63 25.63 -5.02
N GLU B 49 2.37 25.74 -5.41
CA GLU B 49 1.69 27.06 -5.40
C GLU B 49 0.46 27.07 -4.48
N LYS B 50 0.29 28.15 -3.74
CA LYS B 50 -0.78 28.26 -2.78
C LYS B 50 -1.68 29.45 -3.14
N PRO B 51 -2.99 29.24 -3.09
CA PRO B 51 -3.90 30.39 -3.40
C PRO B 51 -3.85 31.37 -2.25
N VAL B 52 -3.95 32.67 -2.56
CA VAL B 52 -3.99 33.74 -1.54
C VAL B 52 -5.46 34.04 -1.29
N SER B 53 -5.91 33.93 -0.06
CA SER B 53 -7.28 34.17 0.34
C SER B 53 -7.40 35.69 0.57
N GLU B 54 -8.40 36.34 -0.02
CA GLU B 54 -8.75 37.75 0.31
C GLU B 54 -9.13 37.90 1.79
N ASP B 55 -9.76 36.87 2.36
CA ASP B 55 -10.14 36.85 3.75
C ASP B 55 -9.13 36.07 4.57
N PRO B 56 -8.49 36.70 5.58
CA PRO B 56 -7.48 35.94 6.36
C PRO B 56 -8.03 34.97 7.39
N GLU B 57 -9.33 34.89 7.47
CA GLU B 57 -9.98 33.85 8.25
C GLU B 57 -10.26 32.54 7.46
N ILE B 58 -10.04 32.58 6.15
CA ILE B 58 -10.35 31.49 5.27
C ILE B 58 -8.99 31.02 4.65
N VAL B 59 -8.81 29.69 4.56
CA VAL B 59 -7.72 29.14 3.71
C VAL B 59 -8.33 28.35 2.60
N LEU B 60 -7.67 28.30 1.49
CA LEU B 60 -8.25 27.70 0.35
C LEU B 60 -7.41 26.41 0.07
N ALA B 61 -8.05 25.33 -0.28
CA ALA B 61 -7.36 24.17 -0.89
C ALA B 61 -7.41 24.11 -2.36
N PRO B 62 -6.26 24.10 -3.02
CA PRO B 62 -6.23 24.16 -4.41
C PRO B 62 -6.33 22.79 -5.08
N VAL B 63 -7.53 22.38 -5.46
CA VAL B 63 -7.79 21.06 -5.96
C VAL B 63 -8.06 21.07 -7.41
N TYR B 64 -7.40 20.24 -8.14
CA TYR B 64 -7.62 20.03 -9.54
C TYR B 64 -8.79 19.13 -9.79
N ASN B 65 -9.74 19.62 -10.61
CA ASN B 65 -10.90 18.78 -11.05
C ASN B 65 -10.54 18.08 -12.31
N ALA B 66 -10.47 16.75 -12.27
CA ALA B 66 -10.04 15.94 -13.40
C ALA B 66 -11.07 15.95 -14.55
N LYS B 67 -12.33 16.13 -14.22
CA LYS B 67 -13.38 16.12 -15.32
C LYS B 67 -13.35 17.43 -16.12
N ASN B 68 -13.27 18.57 -15.43
CA ASN B 68 -13.20 19.92 -16.03
C ASN B 68 -11.80 20.41 -16.40
N LYS B 69 -10.75 19.74 -15.92
CA LYS B 69 -9.39 20.12 -16.20
C LYS B 69 -9.06 21.50 -15.83
N GLU B 70 -9.49 21.91 -14.66
CA GLU B 70 -9.18 23.16 -14.07
C GLU B 70 -9.24 23.10 -12.57
N LEU B 71 -8.72 24.09 -11.91
CA LEU B 71 -8.81 24.10 -10.46
C LEU B 71 -10.17 24.42 -10.01
N GLU B 72 -10.54 23.86 -8.88
CA GLU B 72 -11.80 24.22 -8.21
C GLU B 72 -11.50 24.34 -6.78
N LEU B 73 -11.34 25.57 -6.31
CA LEU B 73 -10.85 25.87 -5.03
C LEU B 73 -11.82 25.54 -3.98
N GLN B 74 -11.35 24.97 -2.88
CA GLN B 74 -12.20 24.65 -1.74
C GLN B 74 -11.87 25.40 -0.51
N SER B 75 -12.88 26.04 0.12
CA SER B 75 -12.57 26.91 1.27
C SER B 75 -12.90 26.33 2.61
N PHE B 76 -12.12 26.72 3.60
CA PHE B 76 -12.19 26.23 4.93
C PHE B 76 -11.88 27.38 5.83
N ARG B 77 -12.65 27.47 6.91
CA ARG B 77 -12.43 28.47 7.93
C ARG B 77 -11.44 28.07 8.95
N LEU B 78 -10.53 28.98 9.31
CA LEU B 78 -9.51 28.69 10.33
C LEU B 78 -10.07 28.34 11.65
N ASP B 79 -11.27 28.87 11.92
CA ASP B 79 -11.92 28.65 13.19
C ASP B 79 -12.90 27.48 13.15
N ASP B 80 -12.85 26.65 12.11
CA ASP B 80 -13.74 25.46 12.02
C ASP B 80 -13.19 24.47 12.98
N GLU B 81 -13.97 24.16 13.99
CA GLU B 81 -13.51 23.33 15.12
C GLU B 81 -13.31 21.84 14.62
N ASN B 82 -13.81 21.51 13.43
CA ASN B 82 -13.52 20.16 12.82
C ASN B 82 -12.04 20.01 12.37
N TYR B 83 -11.35 21.12 12.11
CA TYR B 83 -10.05 21.09 11.41
C TYR B 83 -8.89 21.64 12.18
N ASP B 84 -7.68 21.12 11.91
CA ASP B 84 -6.47 21.50 12.56
C ASP B 84 -5.57 22.01 11.45
N PHE B 85 -5.03 23.22 11.66
CA PHE B 85 -4.21 23.92 10.65
C PHE B 85 -2.77 24.13 11.10
N GLU B 86 -2.37 23.41 12.11
CA GLU B 86 -1.04 23.58 12.77
C GLU B 86 0.14 23.09 11.91
N ASP B 87 -0.08 22.12 11.03
CA ASP B 87 0.91 21.69 10.08
C ASP B 87 0.66 22.47 8.87
N PRO B 88 1.62 23.32 8.47
CA PRO B 88 1.37 24.25 7.35
C PRO B 88 1.23 23.62 6.01
N ARG B 89 1.56 22.32 5.88
CA ARG B 89 1.46 21.61 4.66
C ARG B 89 0.07 21.05 4.41
N MET B 90 -0.80 21.07 5.41
CA MET B 90 -2.08 20.36 5.23
C MET B 90 -3.22 20.89 6.05
N ILE B 91 -4.42 20.57 5.60
CA ILE B 91 -5.63 20.77 6.41
C ILE B 91 -6.03 19.39 6.97
N ARG B 92 -6.03 19.26 8.27
CA ARG B 92 -6.30 18.01 8.93
C ARG B 92 -7.63 18.01 9.63
N SER B 93 -8.30 16.87 9.62
CA SER B 93 -9.41 16.65 10.57
C SER B 93 -8.88 16.46 11.92
N LYS B 94 -9.52 17.06 12.95
CA LYS B 94 -9.02 16.81 14.31
C LYS B 94 -9.13 15.38 14.78
N ALA B 95 -10.07 14.63 14.22
CA ALA B 95 -10.19 13.21 14.52
C ALA B 95 -9.21 12.34 13.69
N LYS B 96 -8.38 12.93 12.81
CA LYS B 96 -7.44 12.13 11.94
C LYS B 96 -6.16 12.91 11.74
N LEU B 97 -5.51 13.28 12.84
CA LEU B 97 -4.29 14.03 12.79
C LEU B 97 -3.10 13.22 12.15
N GLU B 98 -3.28 11.89 12.04
CA GLU B 98 -2.34 11.06 11.34
C GLU B 98 -2.42 11.18 9.81
N GLY B 99 -3.39 11.91 9.27
CA GLY B 99 -3.57 12.06 7.84
C GLY B 99 -3.87 13.52 7.47
N PHE B 100 -4.57 13.66 6.37
CA PHE B 100 -5.00 14.98 5.95
C PHE B 100 -6.28 14.84 5.12
N SER B 101 -7.12 15.90 5.14
CA SER B 101 -8.21 16.03 4.22
C SER B 101 -7.82 16.74 2.94
N TYR B 102 -6.99 17.81 3.05
CA TYR B 102 -6.49 18.55 1.89
C TYR B 102 -5.04 18.96 2.19
N LEU B 103 -4.36 19.24 1.10
CA LEU B 103 -3.07 19.97 1.19
C LEU B 103 -3.31 21.47 1.06
N THR B 104 -2.34 22.27 1.53
CA THR B 104 -2.42 23.68 1.44
C THR B 104 -1.91 24.25 0.12
N SER B 105 -1.25 23.47 -0.70
CA SER B 105 -0.74 23.90 -1.95
C SER B 105 -0.93 22.87 -2.97
N LEU B 106 -0.73 23.21 -4.21
CA LEU B 106 -0.80 22.25 -5.27
C LEU B 106 0.51 22.26 -5.97
N SER B 107 1.10 21.09 -6.20
CA SER B 107 2.39 20.97 -6.89
C SER B 107 2.31 20.47 -8.24
N TYR B 108 3.33 20.81 -9.07
CA TYR B 108 3.54 20.31 -10.37
C TYR B 108 5.11 20.30 -10.64
N ILE B 109 5.50 19.70 -11.72
CA ILE B 109 6.93 19.56 -12.04
C ILE B 109 7.30 20.57 -13.16
N ARG B 110 8.41 21.29 -12.93
CA ARG B 110 8.95 22.22 -14.00
C ARG B 110 10.50 22.03 -14.06
N ILE B 111 11.01 21.84 -15.25
CA ILE B 111 12.47 21.65 -15.44
C ILE B 111 13.29 22.93 -15.36
N ALA B 112 14.48 22.83 -14.73
CA ALA B 112 15.55 23.83 -14.83
C ALA B 112 16.77 23.12 -15.33
N ARG B 113 17.57 23.84 -16.19
CA ARG B 113 18.70 23.22 -16.86
C ARG B 113 19.98 24.05 -16.59
N SER B 114 21.11 23.31 -16.49
CA SER B 114 22.37 23.99 -16.20
C SER B 114 23.45 23.38 -17.04
N LYS B 115 24.36 24.23 -17.58
CA LYS B 115 25.53 23.68 -18.22
C LYS B 115 26.63 23.47 -17.19
N ASP B 116 26.73 24.24 -16.16
CA ASP B 116 27.85 24.09 -15.24
C ASP B 116 27.48 23.37 -13.89
N GLY B 117 26.21 22.95 -13.76
CA GLY B 117 25.73 22.40 -12.50
C GLY B 117 25.38 23.34 -11.39
N HIS B 118 25.62 24.64 -11.56
CA HIS B 118 25.50 25.63 -10.49
C HIS B 118 24.50 26.70 -10.86
N HIS B 119 24.43 27.09 -12.12
CA HIS B 119 23.57 28.19 -12.56
C HIS B 119 22.53 27.57 -13.42
N PHE B 120 21.25 27.80 -13.05
CA PHE B 120 20.13 27.13 -13.71
C PHE B 120 19.19 28.13 -14.40
N THR B 121 18.67 27.70 -15.50
CA THR B 121 17.62 28.40 -16.24
C THR B 121 16.36 27.51 -16.33
N LEU B 122 15.23 28.07 -15.95
CA LEU B 122 13.94 27.31 -16.09
C LEU B 122 13.51 27.15 -17.49
N ASP B 123 12.93 26.01 -17.80
CA ASP B 123 12.21 25.76 -19.06
C ASP B 123 10.99 26.68 -18.99
N GLU B 124 10.46 27.03 -20.19
CA GLU B 124 9.43 28.10 -20.22
C GLU B 124 8.12 27.66 -19.54
N LYS B 125 7.75 26.40 -19.74
CA LYS B 125 6.47 25.92 -19.29
C LYS B 125 6.66 24.74 -18.31
N PRO B 126 5.58 24.35 -17.65
CA PRO B 126 5.64 23.09 -16.84
C PRO B 126 5.92 21.86 -17.61
N PHE B 127 6.47 20.85 -16.91
CA PHE B 127 6.77 19.65 -17.55
C PHE B 127 5.67 18.57 -17.34
N LEU B 128 5.24 18.44 -16.09
CA LEU B 128 4.16 17.55 -15.70
C LEU B 128 3.24 18.29 -14.79
N TYR B 129 1.98 18.29 -15.15
CA TYR B 129 0.98 18.97 -14.40
C TYR B 129 -0.23 17.99 -14.29
N PRO B 130 -0.86 17.97 -13.11
CA PRO B 130 -1.98 17.04 -12.86
C PRO B 130 -2.83 16.80 -14.05
N PHE B 131 -2.99 15.56 -14.38
CA PHE B 131 -3.67 15.19 -15.61
C PHE B 131 -4.68 14.11 -15.50
N ASN B 132 -4.95 13.63 -14.28
CA ASN B 132 -5.93 12.60 -14.09
C ASN B 132 -6.41 12.59 -12.65
N GLU B 133 -7.37 11.67 -12.41
CA GLU B 133 -8.08 11.66 -11.12
C GLU B 133 -7.19 11.18 -9.94
N TYR B 134 -5.96 10.70 -10.24
CA TYR B 134 -5.03 10.33 -9.17
C TYR B 134 -4.11 11.45 -8.74
N GLN B 135 -4.25 12.65 -9.36
CA GLN B 135 -3.33 13.77 -9.16
C GLN B 135 -3.99 15.04 -8.81
N THR B 136 -5.23 14.96 -8.26
CA THR B 136 -5.99 16.14 -8.04
C THR B 136 -5.45 17.05 -6.98
N PHE B 137 -4.59 16.57 -6.04
CA PHE B 137 -4.02 17.45 -5.07
C PHE B 137 -2.52 17.76 -5.46
N GLY B 138 -2.05 17.30 -6.58
CA GLY B 138 -0.69 17.52 -7.02
C GLY B 138 0.11 16.35 -7.49
N ILE B 139 1.16 16.70 -8.27
CA ILE B 139 2.19 15.77 -8.65
C ILE B 139 3.45 16.27 -7.87
N GLU B 140 4.13 15.37 -7.20
CA GLU B 140 5.20 15.78 -6.21
C GLU B 140 6.44 14.89 -6.39
N ASP B 141 7.61 15.53 -6.19
CA ASP B 141 8.86 14.78 -5.86
C ASP B 141 9.19 13.79 -6.88
N ALA B 142 9.37 14.25 -8.11
CA ALA B 142 9.67 13.44 -9.21
C ALA B 142 11.12 12.90 -9.15
N ARG B 143 11.28 11.60 -9.28
CA ARG B 143 12.63 10.94 -9.31
C ARG B 143 12.88 10.58 -10.75
N VAL B 144 14.16 10.52 -11.18
CA VAL B 144 14.54 10.14 -12.51
C VAL B 144 15.60 9.08 -12.49
N THR B 145 15.30 7.94 -13.12
CA THR B 145 16.30 6.90 -13.34
C THR B 145 16.44 6.68 -14.84
N GLN B 146 17.70 6.82 -15.29
CA GLN B 146 18.02 6.65 -16.70
C GLN B 146 18.59 5.31 -16.89
N ILE B 147 18.01 4.53 -17.78
CA ILE B 147 18.50 3.17 -18.14
C ILE B 147 18.62 3.20 -19.66
N GLY B 148 19.85 3.22 -20.14
CA GLY B 148 20.04 3.31 -21.58
C GLY B 148 19.64 4.67 -22.00
N ASP B 149 18.83 4.77 -23.06
CA ASP B 149 18.36 6.03 -23.58
C ASP B 149 17.00 6.46 -22.94
N THR B 150 16.47 5.62 -22.06
CA THR B 150 15.10 5.89 -21.50
C THR B 150 15.18 6.48 -20.04
N TYR B 151 14.50 7.60 -19.86
CA TYR B 151 14.37 8.24 -18.61
C TYR B 151 13.01 7.81 -17.99
N HIS B 152 13.07 7.30 -16.76
CA HIS B 152 11.90 6.88 -15.95
C HIS B 152 11.68 7.97 -14.92
N VAL B 153 10.61 8.73 -15.04
CA VAL B 153 10.30 9.81 -14.21
C VAL B 153 9.04 9.36 -13.37
N ASN B 154 9.27 9.13 -12.10
CA ASN B 154 8.18 8.63 -11.21
C ASN B 154 8.00 9.55 -10.02
N PHE B 155 6.73 9.72 -9.58
CA PHE B 155 6.40 10.79 -8.75
C PHE B 155 5.14 10.40 -7.92
N SER B 156 4.99 11.08 -6.82
CA SER B 156 3.78 10.96 -5.88
C SER B 156 2.60 11.56 -6.69
N ALA B 157 1.48 10.84 -6.70
CA ALA B 157 0.19 11.29 -7.36
C ALA B 157 -0.74 11.35 -6.18
N VAL B 158 -1.13 12.55 -5.75
CA VAL B 158 -1.92 12.77 -4.58
C VAL B 158 -3.37 13.00 -5.00
N SER B 159 -4.31 12.31 -4.40
CA SER B 159 -5.75 12.63 -4.64
C SER B 159 -6.59 12.11 -3.49
N GLU B 160 -7.92 12.30 -3.58
CA GLU B 160 -8.79 11.65 -2.62
C GLU B 160 -8.78 10.14 -2.61
N PHE B 161 -8.24 9.50 -3.60
CA PHE B 161 -8.11 8.06 -3.60
C PHE B 161 -6.87 7.59 -2.84
N GLY B 162 -5.96 8.51 -2.54
CA GLY B 162 -4.75 8.13 -1.78
C GLY B 162 -3.54 8.74 -2.41
N VAL B 163 -2.39 8.40 -1.84
CA VAL B 163 -1.08 8.90 -2.38
C VAL B 163 -0.45 7.67 -3.05
N ALA B 164 -0.34 7.70 -4.40
CA ALA B 164 0.20 6.62 -5.19
C ALA B 164 1.51 7.06 -5.79
N ASP B 165 2.17 6.16 -6.50
CA ASP B 165 3.39 6.57 -7.21
C ASP B 165 3.21 6.13 -8.63
N ALA B 166 3.44 7.06 -9.53
CA ALA B 166 3.15 6.86 -10.96
C ALA B 166 4.38 7.19 -11.82
N LEU B 167 4.35 6.67 -13.02
CA LEU B 167 5.57 6.67 -13.90
C LEU B 167 5.20 7.23 -15.27
N VAL B 168 6.09 8.09 -15.73
CA VAL B 168 6.12 8.54 -17.18
C VAL B 168 7.51 8.16 -17.69
N THR B 169 7.57 7.60 -18.89
CA THR B 169 8.84 7.36 -19.54
C THR B 169 9.05 8.29 -20.77
N THR B 170 10.32 8.51 -21.09
CA THR B 170 10.66 9.50 -22.18
C THR B 170 12.12 9.30 -22.57
N LYS B 171 12.43 9.52 -23.84
CA LYS B 171 13.82 9.58 -24.30
C LYS B 171 14.33 10.96 -24.49
N ASP B 172 13.46 11.93 -24.47
CA ASP B 172 13.87 13.33 -24.74
C ASP B 172 13.23 14.39 -23.95
N PHE B 173 12.42 14.07 -22.91
CA PHE B 173 11.76 15.13 -22.09
C PHE B 173 10.73 16.01 -22.82
N GLU B 174 10.32 15.52 -23.97
CA GLU B 174 9.34 16.17 -24.78
C GLU B 174 8.22 15.19 -25.15
N ASN B 175 8.55 14.02 -25.65
CA ASN B 175 7.56 13.01 -25.95
C ASN B 175 7.49 12.03 -24.73
N LEU B 176 6.36 12.12 -24.05
CA LEU B 176 6.15 11.43 -22.72
C LEU B 176 5.18 10.29 -22.87
N GLU B 177 5.41 9.16 -22.20
CA GLU B 177 4.46 8.01 -22.26
C GLU B 177 4.05 7.69 -20.78
N TYR B 178 2.79 7.79 -20.49
CA TYR B 178 2.26 7.49 -19.11
C TYR B 178 2.15 6.04 -18.95
N GLN B 179 2.68 5.50 -17.82
CA GLN B 179 2.71 4.11 -17.57
C GLN B 179 1.86 3.74 -16.34
N GLY B 180 1.08 4.67 -15.84
CA GLY B 180 0.09 4.28 -14.85
C GLY B 180 0.72 4.40 -13.43
N ASN B 181 -0.11 4.09 -12.40
CA ASN B 181 0.38 3.96 -11.00
C ASN B 181 1.13 2.66 -10.83
N ILE B 182 2.46 2.78 -10.74
CA ILE B 182 3.28 1.62 -10.62
C ILE B 182 3.24 1.06 -9.17
N PHE B 183 3.00 1.92 -8.22
CA PHE B 183 2.75 1.44 -6.81
C PHE B 183 1.36 2.00 -6.38
N ALA B 184 0.62 1.10 -5.84
CA ALA B 184 -0.67 1.45 -5.19
C ALA B 184 -0.52 2.35 -4.04
N PRO B 185 -1.51 3.19 -3.72
CA PRO B 185 -1.46 3.88 -2.46
C PRO B 185 -1.46 2.92 -1.29
N GLU B 186 -0.88 3.25 -0.13
CA GLU B 186 -0.23 4.55 0.13
C GLU B 186 1.32 4.35 -0.08
N ASN B 187 1.93 5.05 -1.00
CA ASN B 187 3.37 4.86 -1.31
C ASN B 187 3.93 6.08 -1.93
N LYS B 188 5.23 6.28 -1.75
CA LYS B 188 5.97 7.37 -2.34
C LYS B 188 7.49 7.05 -2.19
N ASP B 189 8.34 7.96 -2.58
CA ASP B 189 9.84 7.69 -2.44
C ASP B 189 10.25 6.44 -3.16
N VAL B 190 9.80 6.33 -4.38
CA VAL B 190 10.05 5.18 -5.22
C VAL B 190 11.36 5.52 -6.00
N LEU B 191 12.32 4.60 -5.91
CA LEU B 191 13.58 4.81 -6.67
C LEU B 191 13.92 3.58 -7.44
N ILE B 192 13.87 3.68 -8.75
CA ILE B 192 14.12 2.61 -9.66
C ILE B 192 15.67 2.40 -9.76
N PHE B 193 16.12 1.16 -9.60
CA PHE B 193 17.58 0.89 -9.70
C PHE B 193 17.96 1.05 -11.21
N PRO B 194 19.19 1.49 -11.45
CA PRO B 194 19.53 1.97 -12.82
C PRO B 194 20.01 0.88 -13.77
N GLU B 195 19.93 -0.34 -13.39
CA GLU B 195 20.11 -1.42 -14.35
C GLU B 195 19.38 -2.68 -13.89
N LYS B 196 19.25 -3.60 -14.83
CA LYS B 196 18.75 -4.94 -14.52
C LYS B 196 19.78 -5.66 -13.71
N ILE B 197 19.36 -6.38 -12.70
CA ILE B 197 20.21 -7.00 -11.69
C ILE B 197 19.88 -8.47 -11.66
N ASN B 198 20.78 -9.27 -12.24
CA ASN B 198 20.59 -10.71 -12.28
C ASN B 198 19.24 -11.11 -12.80
N GLY B 199 18.85 -10.50 -13.86
CA GLY B 199 17.59 -10.92 -14.51
C GLY B 199 16.31 -10.18 -14.07
N LYS B 200 16.42 -9.24 -13.12
CA LYS B 200 15.15 -8.51 -12.64
C LYS B 200 15.53 -7.05 -12.49
N TYR B 201 14.57 -6.15 -12.78
CA TYR B 201 14.65 -4.79 -12.33
C TYR B 201 14.19 -4.67 -10.84
N TYR B 202 14.60 -3.61 -10.22
CA TYR B 202 14.27 -3.43 -8.76
C TYR B 202 13.89 -1.98 -8.56
N ALA B 203 13.05 -1.75 -7.52
CA ALA B 203 12.83 -0.40 -7.08
C ALA B 203 12.67 -0.36 -5.57
N LEU B 204 13.22 0.66 -4.91
CA LEU B 204 12.93 0.93 -3.54
C LEU B 204 11.52 1.60 -3.51
N HIS B 205 10.81 1.43 -2.41
CA HIS B 205 9.57 2.11 -2.22
C HIS B 205 9.33 2.28 -0.74
N ARG B 206 8.16 2.78 -0.37
CA ARG B 206 8.01 3.23 1.02
C ARG B 206 6.48 3.24 1.41
N PRO B 207 5.97 2.08 1.70
CA PRO B 207 4.56 2.07 2.08
C PRO B 207 4.29 2.87 3.36
N SER B 208 3.22 3.64 3.39
CA SER B 208 2.72 4.27 4.61
C SER B 208 1.56 3.43 5.06
N LEU B 209 1.50 3.07 6.38
CA LEU B 209 0.65 2.00 6.85
C LEU B 209 -0.27 2.50 7.93
N LYS B 210 -1.56 2.28 7.72
CA LYS B 210 -2.57 2.73 8.67
C LYS B 210 -2.59 1.91 9.97
N SER B 211 -2.54 0.58 9.85
CA SER B 211 -2.88 -0.32 11.02
C SER B 211 -1.69 -0.69 11.88
N ILE B 212 -0.67 -1.17 11.22
CA ILE B 212 0.54 -1.70 11.85
C ILE B 212 1.64 -1.49 10.84
N GLY B 213 2.85 -1.20 11.35
CA GLY B 213 4.01 -1.03 10.59
C GLY B 213 4.53 0.40 10.68
N ASN B 214 5.85 0.56 10.60
CA ASN B 214 6.43 1.92 10.62
C ASN B 214 6.66 2.41 9.21
N LEU B 215 7.12 3.60 9.11
CA LEU B 215 7.36 4.27 7.81
C LEU B 215 8.76 3.83 7.34
N ASP B 216 8.80 2.64 6.79
CA ASP B 216 10.04 1.89 6.44
C ASP B 216 10.22 1.72 4.91
N ILE B 217 11.48 1.70 4.47
CA ILE B 217 11.84 1.42 3.10
C ILE B 217 11.63 -0.02 2.79
N TRP B 218 10.96 -0.31 1.68
CA TRP B 218 10.76 -1.64 1.10
C TRP B 218 11.46 -1.68 -0.31
N ILE B 219 11.54 -2.89 -0.85
CA ILE B 219 12.05 -3.11 -2.18
C ILE B 219 11.13 -4.05 -2.93
N ALA B 220 11.05 -3.90 -4.23
CA ALA B 220 10.23 -4.80 -5.06
C ALA B 220 11.06 -5.13 -6.30
N SER B 221 10.73 -6.23 -6.91
CA SER B 221 11.34 -6.56 -8.20
C SER B 221 10.34 -6.41 -9.31
N SER B 222 10.81 -6.49 -10.58
CA SER B 222 9.92 -6.24 -11.72
C SER B 222 10.52 -6.89 -12.98
N PRO B 223 9.67 -7.42 -13.84
CA PRO B 223 10.23 -7.90 -15.15
C PRO B 223 10.34 -6.86 -16.18
N ASP B 224 9.71 -5.70 -16.01
CA ASP B 224 9.50 -4.77 -17.10
C ASP B 224 9.43 -3.29 -16.74
N LEU B 225 9.61 -2.96 -15.45
CA LEU B 225 9.42 -1.59 -14.98
C LEU B 225 8.04 -1.06 -15.22
N ARG B 226 7.06 -1.94 -15.28
CA ARG B 226 5.64 -1.50 -15.28
C ARG B 226 4.84 -2.17 -14.15
N SER B 227 5.12 -3.44 -13.87
CA SER B 227 4.57 -4.22 -12.81
C SER B 227 5.63 -4.59 -11.77
N PHE B 228 5.26 -4.63 -10.52
CA PHE B 228 6.21 -4.90 -9.43
C PHE B 228 5.66 -5.96 -8.52
N GLY B 229 6.51 -6.78 -7.93
CA GLY B 229 6.15 -7.76 -6.94
C GLY B 229 7.27 -8.20 -6.05
N ASP B 230 7.07 -9.32 -5.43
CA ASP B 230 8.04 -9.85 -4.46
C ASP B 230 8.48 -8.76 -3.49
N HIS B 231 7.47 -8.07 -2.90
CA HIS B 231 7.76 -6.98 -1.98
C HIS B 231 8.44 -7.44 -0.74
N ARG B 232 9.50 -6.74 -0.35
CA ARG B 232 10.28 -7.06 0.86
C ARG B 232 10.59 -5.85 1.69
N HIS B 233 10.54 -6.03 2.99
CA HIS B 233 11.01 -5.01 3.91
C HIS B 233 12.52 -4.85 3.77
N LEU B 234 13.01 -3.62 3.78
CA LEU B 234 14.46 -3.37 3.61
C LEU B 234 15.14 -2.59 4.70
N LEU B 235 14.70 -1.35 5.00
CA LEU B 235 15.38 -0.54 5.99
C LEU B 235 14.31 0.04 6.92
N GLY B 236 14.42 -0.27 8.22
CA GLY B 236 13.45 0.19 9.18
C GLY B 236 13.90 1.40 9.97
N ILE B 237 12.95 2.03 10.59
CA ILE B 237 13.23 3.13 11.52
C ILE B 237 14.09 2.63 12.67
N ARG B 238 14.75 3.57 13.33
CA ARG B 238 15.62 3.24 14.51
C ARG B 238 15.40 4.18 15.65
N PRO B 239 14.73 3.66 16.71
CA PRO B 239 14.44 4.51 17.83
C PRO B 239 15.67 5.15 18.44
N GLY B 240 15.54 6.43 18.77
CA GLY B 240 16.65 7.17 19.31
C GLY B 240 17.67 7.66 18.35
N GLU B 241 17.53 7.38 17.05
CA GLU B 241 18.48 7.77 16.06
C GLU B 241 17.89 8.85 15.13
N TYR B 242 18.71 9.31 14.19
CA TYR B 242 18.27 10.39 13.31
C TYR B 242 17.04 9.94 12.44
N ASP B 243 16.88 8.63 12.27
CA ASP B 243 15.79 8.09 11.49
C ASP B 243 14.81 7.32 12.37
N SER B 244 14.49 7.92 13.50
CA SER B 244 13.57 7.31 14.45
C SER B 244 12.09 7.44 14.03
N GLY B 245 11.77 8.45 13.23
CA GLY B 245 10.41 8.80 12.85
C GLY B 245 9.99 8.16 11.49
N ARG B 246 10.86 8.22 10.52
CA ARG B 246 10.63 7.63 9.23
C ARG B 246 11.92 7.51 8.41
N VAL B 247 11.89 6.64 7.40
CA VAL B 247 12.95 6.63 6.34
C VAL B 247 12.32 6.55 4.98
N GLY B 248 12.99 7.09 3.99
CA GLY B 248 12.54 6.92 2.63
C GLY B 248 13.72 7.06 1.70
N GLY B 249 13.56 6.46 0.56
CA GLY B 249 14.46 6.59 -0.58
C GLY B 249 14.67 8.01 -0.97
N GLY B 250 15.93 8.34 -1.34
CA GLY B 250 16.31 9.68 -1.71
C GLY B 250 16.75 9.75 -3.16
N CYS B 251 18.07 9.53 -3.35
CA CYS B 251 18.68 9.36 -4.66
C CYS B 251 18.60 8.01 -5.30
N VAL B 252 18.81 7.94 -6.61
CA VAL B 252 18.83 6.68 -7.29
C VAL B 252 20.03 5.80 -6.77
N PRO B 253 19.83 4.52 -6.61
CA PRO B 253 20.95 3.64 -6.13
C PRO B 253 22.18 3.85 -7.05
N ILE B 254 23.34 3.84 -6.36
CA ILE B 254 24.64 4.15 -7.06
C ILE B 254 25.45 2.83 -7.00
N LYS B 255 25.78 2.34 -8.19
CA LYS B 255 26.62 1.11 -8.28
C LYS B 255 28.03 1.46 -7.81
N THR B 256 28.49 0.69 -6.85
CA THR B 256 29.93 0.76 -6.39
C THR B 256 30.48 -0.68 -6.41
N GLU B 257 31.80 -0.77 -6.21
CA GLU B 257 32.32 -2.12 -6.09
C GLU B 257 31.95 -2.79 -4.90
N GLU B 258 31.57 -2.08 -3.85
CA GLU B 258 31.19 -2.67 -2.63
C GLU B 258 29.68 -3.04 -2.46
N GLY B 259 28.89 -2.59 -3.39
CA GLY B 259 27.44 -2.82 -3.30
C GLY B 259 26.69 -1.63 -3.92
N TRP B 260 25.35 -1.68 -3.77
CA TRP B 260 24.54 -0.53 -4.20
C TRP B 260 24.48 0.45 -3.03
N LEU B 261 24.91 1.68 -3.30
CA LEU B 261 24.95 2.68 -2.34
C LEU B 261 23.61 3.54 -2.40
N ILE B 262 22.92 3.52 -1.29
CA ILE B 262 21.54 4.12 -1.15
C ILE B 262 21.69 5.34 -0.30
N LEU B 263 21.43 6.54 -0.83
CA LEU B 263 21.45 7.76 -0.07
C LEU B 263 19.95 8.11 0.22
N TYR B 264 19.57 7.88 1.46
CA TYR B 264 18.13 7.89 1.82
C TYR B 264 17.93 9.05 2.81
N HIS B 265 16.70 9.54 2.96
CA HIS B 265 16.44 10.48 4.00
C HIS B 265 15.86 9.83 5.25
N GLY B 266 16.16 10.37 6.36
CA GLY B 266 15.65 9.96 7.64
C GLY B 266 15.07 11.18 8.35
N ALA B 267 14.00 11.00 9.13
CA ALA B 267 13.54 12.09 9.98
C ALA B 267 13.19 11.58 11.34
N THR B 268 13.27 12.46 12.34
CA THR B 268 12.75 12.20 13.68
C THR B 268 11.23 12.46 13.67
N GLU B 269 10.61 12.10 14.76
CA GLU B 269 9.16 12.43 14.99
C GLU B 269 8.91 13.98 15.03
N GLU B 270 9.93 14.73 15.37
CA GLU B 270 9.89 16.21 15.30
C GLU B 270 10.11 16.72 13.88
N ASN B 271 10.24 15.84 12.91
CA ASN B 271 10.33 16.26 11.52
C ASN B 271 11.62 17.05 11.14
N ARG B 272 12.69 16.72 11.82
CA ARG B 272 14.02 17.13 11.30
C ARG B 272 14.53 16.09 10.27
N TYR B 273 14.83 16.48 9.02
CA TYR B 273 15.19 15.55 8.00
C TYR B 273 16.69 15.66 7.75
N VAL B 274 17.35 14.50 7.62
CA VAL B 274 18.76 14.42 7.24
C VAL B 274 18.88 13.39 6.17
N MET B 275 20.08 13.32 5.54
CA MET B 275 20.40 12.22 4.67
C MET B 275 21.39 11.23 5.35
N GLY B 276 21.11 9.93 5.18
CA GLY B 276 21.94 8.79 5.65
C GLY B 276 22.32 7.95 4.46
N ALA B 277 23.04 6.84 4.71
CA ALA B 277 23.40 5.93 3.61
C ALA B 277 23.27 4.49 4.07
N ALA B 278 22.99 3.64 3.12
CA ALA B 278 23.05 2.21 3.30
C ALA B 278 23.74 1.62 2.10
N LEU B 279 24.15 0.37 2.26
CA LEU B 279 24.85 -0.39 1.21
C LEU B 279 24.21 -1.73 1.08
N LEU B 280 23.80 -2.09 -0.11
CA LEU B 280 23.08 -3.34 -0.34
C LEU B 280 23.99 -4.26 -1.20
N ASP B 281 23.77 -5.54 -1.09
CA ASP B 281 24.53 -6.49 -1.94
C ASP B 281 24.35 -6.22 -3.42
N LEU B 282 25.43 -6.28 -4.18
CA LEU B 282 25.38 -6.01 -5.58
C LEU B 282 24.55 -6.87 -6.39
N ASN B 283 24.51 -8.15 -6.02
CA ASN B 283 23.85 -9.13 -6.82
C ASN B 283 22.42 -9.42 -6.35
N ASP B 284 22.12 -9.14 -5.09
CA ASP B 284 20.81 -9.36 -4.52
C ASP B 284 20.54 -8.13 -3.59
N PRO B 285 19.99 -7.06 -4.19
CA PRO B 285 19.76 -5.81 -3.44
C PRO B 285 18.77 -5.87 -2.31
N THR B 286 18.13 -7.02 -2.13
CA THR B 286 17.31 -7.18 -0.97
C THR B 286 18.10 -7.39 0.33
N ILE B 287 19.42 -7.58 0.25
CA ILE B 287 20.22 -7.80 1.41
C ILE B 287 21.02 -6.51 1.78
N VAL B 288 20.88 -6.07 3.05
CA VAL B 288 21.46 -4.83 3.48
C VAL B 288 22.82 -5.27 4.11
N LEU B 289 23.85 -4.66 3.66
CA LEU B 289 25.26 -4.91 4.21
C LEU B 289 25.72 -3.99 5.29
N LYS B 290 25.50 -2.66 5.15
CA LYS B 290 25.94 -1.67 6.16
C LYS B 290 24.93 -0.48 6.13
N ARG B 291 24.93 0.23 7.20
CA ARG B 291 24.12 1.43 7.27
C ARG B 291 24.83 2.42 8.12
N THR B 292 24.70 3.69 7.83
CA THR B 292 25.30 4.71 8.68
C THR B 292 24.63 4.81 10.04
N LYS B 293 25.42 5.17 11.05
CA LYS B 293 24.88 5.53 12.37
C LYS B 293 24.80 7.00 12.57
N THR B 294 25.45 7.81 11.75
CA THR B 294 25.23 9.28 11.80
C THR B 294 24.93 9.73 10.38
N PRO B 295 24.42 10.96 10.23
CA PRO B 295 24.09 11.39 8.88
C PRO B 295 25.28 11.68 8.00
N ILE B 296 25.05 11.71 6.71
CA ILE B 296 25.96 12.20 5.73
C ILE B 296 25.71 13.69 5.36
N LEU B 297 24.47 14.19 5.55
CA LEU B 297 24.11 15.59 5.26
C LEU B 297 22.97 15.93 6.22
N GLU B 298 23.09 17.08 6.93
CA GLU B 298 22.08 17.52 7.80
C GLU B 298 21.84 19.02 7.61
N PRO B 299 20.74 19.53 8.17
CA PRO B 299 20.47 21.02 8.02
C PRO B 299 21.34 21.81 8.98
N VAL B 300 22.26 22.59 8.38
CA VAL B 300 23.15 23.40 9.15
C VAL B 300 23.22 24.80 8.63
N ALA B 301 23.22 25.01 7.32
CA ALA B 301 23.26 26.37 6.75
C ALA B 301 21.89 27.03 6.96
N ASP B 302 21.87 28.34 6.93
CA ASP B 302 20.61 29.08 7.21
C ASP B 302 19.49 28.67 6.23
N TYR B 303 19.77 28.51 4.97
CA TYR B 303 18.81 28.07 3.97
C TYR B 303 18.23 26.63 4.19
N GLU B 304 18.99 25.81 4.91
CA GLU B 304 18.57 24.46 5.31
C GLU B 304 17.71 24.49 6.51
N LYS B 305 17.93 25.43 7.43
CA LYS B 305 17.26 25.40 8.70
C LYS B 305 15.93 26.20 8.59
N ASN B 306 15.94 27.24 7.80
CA ASN B 306 14.81 28.24 7.77
C ASN B 306 14.09 28.31 6.43
N GLY B 307 12.77 28.20 6.47
CA GLY B 307 11.97 28.33 5.23
C GLY B 307 10.49 27.92 5.62
N PHE B 308 9.78 27.50 4.63
CA PHE B 308 8.37 27.07 4.74
C PHE B 308 8.23 25.94 5.75
N PHE B 309 9.14 24.96 5.70
CA PHE B 309 9.09 23.85 6.66
C PHE B 309 10.57 23.62 7.10
N GLY B 310 10.96 24.15 8.23
CA GLY B 310 12.40 24.29 8.59
C GLY B 310 13.07 22.93 8.90
N ASP B 311 14.40 22.96 8.89
CA ASP B 311 15.19 21.81 9.33
C ASP B 311 14.97 20.58 8.47
N VAL B 312 15.00 20.81 7.18
CA VAL B 312 14.92 19.77 6.15
C VAL B 312 16.01 19.85 5.10
N VAL B 313 16.75 18.75 4.92
CA VAL B 313 17.41 18.52 3.63
C VAL B 313 16.82 17.25 3.04
N PHE B 314 16.52 17.30 1.78
CA PHE B 314 15.74 16.21 1.14
C PHE B 314 16.24 15.99 -0.24
N ALA B 315 17.28 15.08 -0.36
CA ALA B 315 17.94 14.89 -1.67
C ALA B 315 17.20 13.86 -2.52
N CYS B 316 16.74 14.27 -3.73
CA CYS B 316 15.99 13.42 -4.67
C CYS B 316 16.82 12.99 -5.89
N GLY B 317 18.10 13.43 -5.91
CA GLY B 317 18.95 12.99 -6.96
C GLY B 317 20.38 13.57 -6.90
N ALA B 318 21.22 12.89 -7.68
CA ALA B 318 22.66 13.22 -7.73
C ALA B 318 23.23 12.75 -9.05
N ILE B 319 24.30 13.41 -9.45
CA ILE B 319 25.02 12.98 -10.71
C ILE B 319 26.44 12.59 -10.25
N GLN B 320 26.86 11.41 -10.68
CA GLN B 320 28.21 10.89 -10.35
C GLN B 320 29.18 11.35 -11.48
N GLU B 321 30.37 11.80 -11.05
CA GLU B 321 31.50 12.18 -11.96
C GLU B 321 32.70 11.52 -11.28
N GLY B 322 32.92 10.23 -11.56
CA GLY B 322 33.99 9.48 -10.86
C GLY B 322 33.69 9.30 -9.40
N ASP B 323 34.59 9.73 -8.54
CA ASP B 323 34.40 9.59 -7.10
C ASP B 323 33.49 10.76 -6.53
N THR B 324 33.22 11.77 -7.34
CA THR B 324 32.48 12.95 -6.91
C THR B 324 31.00 12.75 -7.18
N LEU B 325 30.19 13.05 -6.17
CA LEU B 325 28.73 13.07 -6.37
C LEU B 325 28.29 14.55 -6.31
N HIS B 326 27.64 15.01 -7.33
CA HIS B 326 27.01 16.36 -7.36
C HIS B 326 25.54 16.07 -6.87
N MET B 327 25.30 16.33 -5.63
CA MET B 327 23.97 16.03 -5.01
C MET B 327 23.13 17.35 -5.04
N TYR B 328 21.86 17.22 -5.44
CA TYR B 328 20.94 18.33 -5.37
C TYR B 328 19.82 17.94 -4.39
N TYR B 329 19.43 18.90 -3.57
CA TYR B 329 18.53 18.63 -2.49
C TYR B 329 17.57 19.79 -2.25
N GLY B 330 16.33 19.42 -1.88
CA GLY B 330 15.44 20.43 -1.37
C GLY B 330 15.84 20.85 -0.01
N VAL B 331 15.65 22.11 0.29
CA VAL B 331 15.93 22.67 1.56
C VAL B 331 14.70 23.42 2.12
N ALA B 332 14.28 22.98 3.29
CA ALA B 332 13.21 23.63 4.08
C ALA B 332 11.89 23.64 3.28
N ASP B 333 11.71 22.65 2.40
CA ASP B 333 10.59 22.60 1.49
C ASP B 333 10.35 23.91 0.72
N THR B 334 11.42 24.68 0.49
CA THR B 334 11.34 26.03 -0.06
C THR B 334 12.11 26.18 -1.31
N SER B 335 13.37 25.69 -1.27
CA SER B 335 14.36 25.94 -2.39
C SER B 335 15.20 24.73 -2.73
N MET B 336 16.03 24.86 -3.75
CA MET B 336 17.03 23.84 -4.15
C MET B 336 18.46 24.29 -3.79
N ALA B 337 19.22 23.35 -3.29
CA ALA B 337 20.66 23.52 -2.98
C ALA B 337 21.46 22.46 -3.68
N GLY B 338 22.82 22.70 -3.74
CA GLY B 338 23.68 21.70 -4.34
C GLY B 338 24.90 21.59 -3.47
N CYS B 339 25.42 20.35 -3.44
CA CYS B 339 26.71 20.11 -2.72
C CYS B 339 27.43 18.97 -3.46
N ASP B 340 28.77 18.97 -3.23
CA ASP B 340 29.58 17.83 -3.68
C ASP B 340 30.10 17.08 -2.48
N MET B 341 30.08 15.77 -2.71
CA MET B 341 30.67 14.83 -1.79
C MET B 341 31.45 13.74 -2.57
N LYS B 342 32.25 13.01 -1.82
CA LYS B 342 33.00 11.88 -2.37
C LYS B 342 32.33 10.59 -1.94
N ILE B 343 32.11 9.74 -2.92
CA ILE B 343 31.55 8.45 -2.71
C ILE B 343 32.45 7.64 -1.83
N SER B 344 33.77 7.79 -2.08
CA SER B 344 34.69 7.04 -1.21
C SER B 344 34.52 7.43 0.25
N GLU B 345 34.21 8.70 0.57
CA GLU B 345 34.05 9.06 1.95
C GLU B 345 32.79 8.47 2.51
N ILE B 346 31.73 8.46 1.66
CA ILE B 346 30.50 7.78 2.18
C ILE B 346 30.65 6.26 2.52
N LEU B 347 31.34 5.58 1.63
CA LEU B 347 31.75 4.19 1.83
C LEU B 347 32.58 3.96 3.03
N HIS B 348 33.51 4.90 3.26
CA HIS B 348 34.32 4.89 4.47
C HIS B 348 33.57 5.09 5.71
N GLN B 349 32.60 6.06 5.68
CA GLN B 349 31.81 6.18 6.81
C GLN B 349 30.95 4.91 7.09
N LEU B 350 30.45 4.31 6.04
CA LEU B 350 29.68 3.08 6.19
C LEU B 350 30.55 1.99 6.87
N GLU B 351 31.76 1.91 6.39
CA GLU B 351 32.73 0.89 6.92
C GLU B 351 32.99 1.17 8.39
N VAL B 352 33.32 2.40 8.75
CA VAL B 352 33.55 2.73 10.11
C VAL B 352 32.43 2.56 11.05
N GLU B 353 31.24 3.05 10.66
CA GLU B 353 30.12 2.92 11.48
C GLU B 353 29.49 1.50 11.41
#